data_2LT8
#
_entry.id   2LT8
#
_entity_poly.entity_id   1
_entity_poly.type   'polypeptide(L)'
_entity_poly.pdbx_seq_one_letter_code
;GFGCPGDAYQCSEHCRALGGGRTGGYCAGPWYLGHPTCTCSF
;
_entity_poly.pdbx_strand_id   A
#
# COMPACT_ATOMS: atom_id res chain seq x y z
N GLY A 1 -6.42 4.34 0.02
CA GLY A 1 -6.95 3.66 -1.18
C GLY A 1 -6.36 2.29 -1.33
N PHE A 2 -6.69 1.59 -2.42
CA PHE A 2 -6.16 0.24 -2.70
C PHE A 2 -6.37 -0.71 -1.53
N GLY A 3 -7.59 -0.70 -0.99
CA GLY A 3 -7.95 -1.58 0.10
C GLY A 3 -7.60 -1.07 1.47
N CYS A 4 -6.73 -0.07 1.55
CA CYS A 4 -6.26 0.43 2.83
C CYS A 4 -6.83 1.83 3.20
N PRO A 5 -7.08 2.08 4.50
CA PRO A 5 -6.91 1.16 5.64
C PRO A 5 -7.95 0.03 5.63
N GLY A 6 -7.51 -1.17 6.01
CA GLY A 6 -8.39 -2.33 6.00
C GLY A 6 -7.64 -3.57 5.54
N ASP A 7 -7.26 -3.59 4.28
CA ASP A 7 -6.52 -4.71 3.70
C ASP A 7 -5.18 -4.29 3.11
N ALA A 8 -4.11 -4.91 3.62
CA ALA A 8 -2.77 -4.65 3.12
C ALA A 8 -2.46 -5.47 1.85
N TYR A 9 -3.21 -6.54 1.61
CA TYR A 9 -2.93 -7.39 0.45
C TYR A 9 -3.21 -6.66 -0.87
N GLN A 10 -4.33 -5.98 -0.95
CA GLN A 10 -4.67 -5.21 -2.15
C GLN A 10 -3.66 -4.07 -2.35
N CYS A 11 -3.18 -3.51 -1.25
CA CYS A 11 -2.15 -2.47 -1.30
C CYS A 11 -0.86 -3.06 -1.88
N SER A 12 -0.52 -4.27 -1.46
CA SER A 12 0.64 -4.99 -1.98
C SER A 12 0.48 -5.31 -3.46
N GLU A 13 -0.68 -5.77 -3.89
CA GLU A 13 -0.91 -6.06 -5.29
C GLU A 13 -0.76 -4.81 -6.14
N HIS A 14 -1.28 -3.70 -5.65
CA HIS A 14 -1.14 -2.42 -6.35
C HIS A 14 0.34 -2.07 -6.52
N CYS A 15 1.11 -2.19 -5.45
CA CYS A 15 2.54 -1.91 -5.53
C CYS A 15 3.28 -2.86 -6.46
N ARG A 16 2.96 -4.14 -6.39
CA ARG A 16 3.60 -5.13 -7.27
C ARG A 16 3.28 -4.83 -8.74
N ALA A 17 2.08 -4.33 -9.01
CA ALA A 17 1.68 -3.98 -10.37
C ALA A 17 2.47 -2.77 -10.90
N LEU A 18 2.89 -1.88 -10.02
CA LEU A 18 3.67 -0.70 -10.44
C LEU A 18 5.06 -1.10 -10.91
N GLY A 19 5.51 -2.29 -10.54
CA GLY A 19 6.82 -2.75 -10.93
C GLY A 19 7.16 -4.05 -10.25
N GLY A 20 7.59 -5.04 -11.02
CA GLY A 20 7.88 -6.37 -10.48
C GLY A 20 9.02 -6.45 -9.49
N GLY A 21 9.81 -5.39 -9.42
CA GLY A 21 10.89 -5.32 -8.45
C GLY A 21 10.32 -5.13 -7.05
N ARG A 22 9.13 -4.56 -6.97
CA ARG A 22 8.45 -4.37 -5.70
C ARG A 22 7.85 -5.70 -5.31
N THR A 23 8.16 -6.15 -4.11
CA THR A 23 7.66 -7.43 -3.63
C THR A 23 6.33 -7.23 -2.94
N GLY A 24 6.02 -5.99 -2.60
CA GLY A 24 4.76 -5.67 -1.96
C GLY A 24 4.67 -4.23 -1.55
N GLY A 25 3.92 -3.97 -0.48
CA GLY A 25 3.76 -2.62 0.02
C GLY A 25 3.05 -2.65 1.35
N TYR A 26 3.09 -1.53 2.05
CA TYR A 26 2.47 -1.40 3.36
C TYR A 26 1.64 -0.12 3.40
N CYS A 27 0.74 -0.02 4.36
CA CYS A 27 -0.13 1.14 4.47
C CYS A 27 0.33 2.07 5.59
N ALA A 28 0.32 3.36 5.31
CA ALA A 28 0.68 4.40 6.27
C ALA A 28 -0.26 5.56 5.98
N GLY A 29 -0.08 6.70 6.61
CA GLY A 29 -0.95 7.82 6.32
C GLY A 29 -0.49 9.14 6.92
N PRO A 30 -1.25 10.23 6.69
CA PRO A 30 -0.95 11.55 7.25
C PRO A 30 -1.11 11.61 8.76
N TRP A 31 -0.93 12.82 9.28
CA TRP A 31 -1.18 13.14 10.68
C TRP A 31 -2.66 13.03 11.08
N TYR A 32 -3.51 12.65 10.13
CA TYR A 32 -4.94 12.56 10.33
C TYR A 32 -5.45 11.34 9.54
N LEU A 33 -6.66 10.89 9.87
CA LEU A 33 -7.26 9.67 9.31
C LEU A 33 -6.43 8.42 9.72
N GLY A 34 -6.64 7.31 9.04
CA GLY A 34 -5.96 6.07 9.40
C GLY A 34 -4.72 5.84 8.55
N HIS A 35 -4.78 4.84 7.68
CA HIS A 35 -3.67 4.53 6.79
C HIS A 35 -4.07 4.55 5.30
N PRO A 36 -4.48 5.71 4.76
CA PRO A 36 -4.90 5.72 3.35
C PRO A 36 -3.79 5.64 2.31
N THR A 37 -2.55 5.91 2.73
CA THR A 37 -1.42 6.01 1.81
C THR A 37 -0.71 4.67 1.66
N CYS A 38 -0.73 4.12 0.44
CA CYS A 38 0.05 2.94 0.15
C CYS A 38 1.47 3.37 -0.12
N THR A 39 2.43 2.70 0.50
CA THR A 39 3.84 2.97 0.31
C THR A 39 4.43 1.62 -0.06
N CYS A 40 5.25 1.56 -1.10
CA CYS A 40 5.66 0.27 -1.65
C CYS A 40 7.00 -0.19 -1.11
N SER A 41 7.16 -1.51 -1.10
CA SER A 41 8.35 -2.15 -0.57
C SER A 41 8.97 -3.01 -1.63
N PHE A 42 10.26 -3.25 -1.50
CA PHE A 42 11.01 -4.13 -2.39
C PHE A 42 11.50 -5.22 -1.44
N GLY A 1 -6.38 4.07 -0.19
CA GLY A 1 -6.96 3.38 -1.36
C GLY A 1 -6.39 2.01 -1.51
N PHE A 2 -6.84 1.26 -2.52
CA PHE A 2 -6.33 -0.10 -2.78
C PHE A 2 -6.40 -0.99 -1.53
N GLY A 3 -7.57 -1.00 -0.90
CA GLY A 3 -7.82 -1.86 0.24
C GLY A 3 -7.44 -1.24 1.57
N CYS A 4 -6.56 -0.25 1.53
CA CYS A 4 -6.07 0.35 2.77
C CYS A 4 -6.71 1.71 3.08
N PRO A 5 -6.95 2.02 4.38
CA PRO A 5 -6.68 1.16 5.55
C PRO A 5 -7.68 0.00 5.67
N GLY A 6 -7.19 -1.15 6.11
CA GLY A 6 -8.04 -2.32 6.27
C GLY A 6 -7.36 -3.57 5.75
N ASP A 7 -7.10 -3.60 4.45
CA ASP A 7 -6.44 -4.73 3.80
C ASP A 7 -5.12 -4.34 3.16
N ALA A 8 -4.08 -5.08 3.51
CA ALA A 8 -2.75 -4.85 2.95
C ALA A 8 -2.51 -5.68 1.68
N TYR A 9 -3.33 -6.69 1.43
CA TYR A 9 -3.13 -7.57 0.27
C TYR A 9 -3.34 -6.79 -1.03
N GLN A 10 -4.46 -6.10 -1.14
CA GLN A 10 -4.75 -5.30 -2.33
C GLN A 10 -3.74 -4.15 -2.48
N CYS A 11 -3.24 -3.65 -1.37
CA CYS A 11 -2.20 -2.61 -1.37
C CYS A 11 -0.90 -3.19 -1.95
N SER A 12 -0.58 -4.42 -1.57
CA SER A 12 0.59 -5.12 -2.09
C SER A 12 0.43 -5.36 -3.59
N GLU A 13 -0.74 -5.81 -4.02
CA GLU A 13 -1.00 -6.05 -5.44
C GLU A 13 -0.79 -4.76 -6.25
N HIS A 14 -1.29 -3.66 -5.73
CA HIS A 14 -1.11 -2.36 -6.39
C HIS A 14 0.37 -2.02 -6.52
N CYS A 15 1.12 -2.16 -5.45
CA CYS A 15 2.54 -1.86 -5.49
C CYS A 15 3.29 -2.78 -6.46
N ARG A 16 2.98 -4.06 -6.44
CA ARG A 16 3.62 -5.02 -7.34
C ARG A 16 3.31 -4.69 -8.81
N ALA A 17 2.10 -4.21 -9.07
CA ALA A 17 1.71 -3.81 -10.42
C ALA A 17 2.52 -2.60 -10.92
N LEU A 18 2.91 -1.72 -10.00
CA LEU A 18 3.69 -0.53 -10.38
C LEU A 18 5.11 -0.89 -10.82
N GLY A 19 5.59 -2.07 -10.45
CA GLY A 19 6.93 -2.47 -10.83
C GLY A 19 7.32 -3.80 -10.23
N GLY A 20 7.91 -4.67 -11.03
CA GLY A 20 8.29 -6.00 -10.57
C GLY A 20 9.35 -6.06 -9.50
N GLY A 21 10.05 -4.96 -9.33
CA GLY A 21 11.04 -4.87 -8.27
C GLY A 21 10.38 -4.73 -6.91
N ARG A 22 9.15 -4.26 -6.89
CA ARG A 22 8.41 -4.10 -5.65
C ARG A 22 7.85 -5.44 -5.26
N THR A 23 8.17 -5.86 -4.05
CA THR A 23 7.74 -7.16 -3.57
C THR A 23 6.38 -7.08 -2.94
N GLY A 24 5.99 -5.88 -2.56
CA GLY A 24 4.71 -5.65 -1.93
C GLY A 24 4.62 -4.25 -1.41
N GLY A 25 3.89 -4.04 -0.32
CA GLY A 25 3.76 -2.72 0.25
C GLY A 25 3.15 -2.74 1.63
N TYR A 26 3.23 -1.60 2.29
CA TYR A 26 2.67 -1.39 3.63
C TYR A 26 1.80 -0.15 3.54
N CYS A 27 1.00 0.10 4.56
CA CYS A 27 0.12 1.27 4.55
C CYS A 27 0.56 2.29 5.61
N ALA A 28 0.51 3.55 5.23
CA ALA A 28 0.86 4.66 6.12
C ALA A 28 -0.14 5.76 5.76
N GLY A 29 -0.01 6.96 6.31
CA GLY A 29 -0.95 8.00 5.97
C GLY A 29 -0.57 9.39 6.45
N PRO A 30 -1.46 10.38 6.23
CA PRO A 30 -1.24 11.77 6.67
C PRO A 30 -1.25 11.94 8.17
N TRP A 31 -1.10 13.20 8.58
CA TRP A 31 -1.22 13.61 9.98
C TRP A 31 -2.64 13.46 10.55
N TYR A 32 -3.56 12.96 9.72
CA TYR A 32 -4.95 12.76 10.10
C TYR A 32 -5.42 11.51 9.36
N LEU A 33 -6.56 10.97 9.79
CA LEU A 33 -7.12 9.68 9.32
C LEU A 33 -6.18 8.54 9.71
N GLY A 34 -6.38 7.37 9.12
CA GLY A 34 -5.57 6.21 9.47
C GLY A 34 -4.41 6.00 8.51
N HIS A 35 -4.50 4.95 7.72
CA HIS A 35 -3.43 4.64 6.75
C HIS A 35 -3.92 4.51 5.28
N PRO A 36 -4.42 5.61 4.68
CA PRO A 36 -4.88 5.53 3.29
C PRO A 36 -3.78 5.41 2.22
N THR A 37 -2.56 5.75 2.57
CA THR A 37 -1.46 5.81 1.62
C THR A 37 -0.73 4.48 1.52
N CYS A 38 -0.73 3.90 0.33
CA CYS A 38 0.06 2.71 0.07
C CYS A 38 1.48 3.16 -0.17
N THR A 39 2.42 2.56 0.55
CA THR A 39 3.83 2.85 0.44
C THR A 39 4.46 1.53 0.09
N CYS A 40 5.28 1.49 -0.95
CA CYS A 40 5.69 0.21 -1.51
C CYS A 40 7.03 -0.25 -1.00
N SER A 41 7.17 -1.57 -0.91
CA SER A 41 8.37 -2.21 -0.40
C SER A 41 9.04 -2.93 -1.54
N PHE A 42 10.33 -3.14 -1.41
CA PHE A 42 11.14 -3.90 -2.34
C PHE A 42 11.73 -4.98 -1.46
N GLY A 1 -6.12 4.53 -0.13
CA GLY A 1 -6.73 3.93 -1.33
C GLY A 1 -6.19 2.56 -1.58
N PHE A 2 -6.59 1.94 -2.70
CA PHE A 2 -6.11 0.60 -3.08
C PHE A 2 -6.38 -0.43 -1.99
N GLY A 3 -7.58 -0.34 -1.41
CA GLY A 3 -8.01 -1.26 -0.36
C GLY A 3 -7.64 -0.79 1.03
N CYS A 4 -6.64 0.06 1.13
CA CYS A 4 -6.21 0.55 2.42
C CYS A 4 -6.85 1.91 2.76
N PRO A 5 -7.06 2.21 4.06
CA PRO A 5 -6.74 1.39 5.24
C PRO A 5 -7.63 0.17 5.43
N GLY A 6 -7.01 -0.99 5.63
CA GLY A 6 -7.74 -2.22 5.87
C GLY A 6 -7.13 -3.36 5.09
N ASP A 7 -7.25 -3.29 3.78
CA ASP A 7 -6.77 -4.36 2.90
C ASP A 7 -5.32 -4.13 2.47
N ALA A 8 -4.40 -4.63 3.28
CA ALA A 8 -2.98 -4.51 3.00
C ALA A 8 -2.58 -5.40 1.80
N TYR A 9 -3.34 -6.45 1.53
CA TYR A 9 -3.02 -7.34 0.43
C TYR A 9 -3.28 -6.65 -0.91
N GLN A 10 -4.39 -5.97 -1.03
CA GLN A 10 -4.71 -5.22 -2.25
C GLN A 10 -3.69 -4.09 -2.44
N CYS A 11 -3.25 -3.49 -1.35
CA CYS A 11 -2.21 -2.46 -1.40
C CYS A 11 -0.91 -3.07 -1.95
N SER A 12 -0.59 -4.28 -1.51
CA SER A 12 0.59 -4.99 -1.99
C SER A 12 0.47 -5.32 -3.47
N GLU A 13 -0.66 -5.83 -3.92
CA GLU A 13 -0.86 -6.14 -5.32
C GLU A 13 -0.77 -4.89 -6.18
N HIS A 14 -1.32 -3.79 -5.70
CA HIS A 14 -1.22 -2.51 -6.40
C HIS A 14 0.24 -2.11 -6.56
N CYS A 15 1.01 -2.20 -5.48
CA CYS A 15 2.43 -1.87 -5.55
C CYS A 15 3.18 -2.81 -6.49
N ARG A 16 2.91 -4.10 -6.40
CA ARG A 16 3.57 -5.07 -7.28
C ARG A 16 3.27 -4.78 -8.76
N ALA A 17 2.06 -4.31 -9.05
CA ALA A 17 1.68 -3.95 -10.41
C ALA A 17 2.50 -2.74 -10.94
N LEU A 18 2.90 -1.85 -10.05
CA LEU A 18 3.68 -0.67 -10.43
C LEU A 18 5.10 -1.05 -10.85
N GLY A 19 5.53 -2.25 -10.50
CA GLY A 19 6.87 -2.69 -10.84
C GLY A 19 7.17 -4.03 -10.19
N GLY A 20 7.55 -5.02 -10.98
CA GLY A 20 7.79 -6.36 -10.47
C GLY A 20 8.92 -6.50 -9.48
N GLY A 21 9.75 -5.48 -9.38
CA GLY A 21 10.82 -5.47 -8.40
C GLY A 21 10.26 -5.28 -7.00
N ARG A 22 9.08 -4.69 -6.90
CA ARG A 22 8.43 -4.49 -5.63
C ARG A 22 7.87 -5.81 -5.18
N THR A 23 8.18 -6.21 -3.96
CA THR A 23 7.69 -7.46 -3.42
C THR A 23 6.33 -7.25 -2.82
N GLY A 24 6.01 -5.99 -2.54
CA GLY A 24 4.72 -5.65 -1.98
C GLY A 24 4.62 -4.20 -1.58
N GLY A 25 3.86 -3.95 -0.53
CA GLY A 25 3.68 -2.61 -0.02
C GLY A 25 3.02 -2.65 1.33
N TYR A 26 3.04 -1.54 2.02
CA TYR A 26 2.46 -1.40 3.36
C TYR A 26 1.63 -0.13 3.36
N CYS A 27 0.77 0.01 4.34
CA CYS A 27 -0.08 1.19 4.44
C CYS A 27 0.34 2.05 5.62
N ALA A 28 0.44 3.35 5.39
CA ALA A 28 0.81 4.32 6.41
C ALA A 28 -0.02 5.57 6.11
N GLY A 29 0.25 6.68 6.75
CA GLY A 29 -0.52 7.87 6.45
C GLY A 29 -0.05 9.13 7.14
N PRO A 30 -0.75 10.26 6.93
CA PRO A 30 -0.46 11.54 7.59
C PRO A 30 -0.72 11.54 9.08
N TRP A 31 -0.53 12.70 9.66
CA TRP A 31 -0.86 12.98 11.07
C TRP A 31 -2.35 12.84 11.40
N TYR A 32 -3.17 12.58 10.38
CA TYR A 32 -4.61 12.45 10.53
C TYR A 32 -5.06 11.21 9.77
N LEU A 33 -6.22 10.67 10.18
CA LEU A 33 -6.77 9.40 9.67
C LEU A 33 -5.84 8.24 10.05
N GLY A 34 -6.10 7.06 9.50
CA GLY A 34 -5.30 5.89 9.85
C GLY A 34 -4.18 5.63 8.87
N HIS A 35 -4.43 4.78 7.88
CA HIS A 35 -3.40 4.44 6.89
C HIS A 35 -3.88 4.61 5.43
N PRO A 36 -4.22 5.85 5.01
CA PRO A 36 -4.70 6.02 3.63
C PRO A 36 -3.66 5.88 2.53
N THR A 37 -2.39 6.02 2.89
CA THR A 37 -1.30 6.06 1.91
C THR A 37 -0.64 4.70 1.73
N CYS A 38 -0.70 4.17 0.51
CA CYS A 38 0.04 2.96 0.19
C CYS A 38 1.46 3.39 -0.11
N THR A 39 2.40 2.69 0.49
CA THR A 39 3.83 2.94 0.30
C THR A 39 4.41 1.59 -0.09
N CYS A 40 5.24 1.54 -1.11
CA CYS A 40 5.65 0.26 -1.66
C CYS A 40 6.98 -0.21 -1.10
N SER A 41 7.15 -1.53 -1.08
CA SER A 41 8.32 -2.16 -0.50
C SER A 41 8.98 -3.08 -1.52
N PHE A 42 10.27 -3.30 -1.37
CA PHE A 42 11.06 -4.16 -2.23
C PHE A 42 11.67 -5.15 -1.27
N GLY A 1 -6.38 4.28 -0.17
CA GLY A 1 -6.94 3.57 -1.32
C GLY A 1 -6.32 2.21 -1.48
N PHE A 2 -6.66 1.49 -2.54
CA PHE A 2 -6.10 0.16 -2.82
C PHE A 2 -6.30 -0.79 -1.64
N GLY A 3 -7.51 -0.78 -1.08
CA GLY A 3 -7.85 -1.65 0.03
C GLY A 3 -7.50 -1.09 1.39
N CYS A 4 -6.62 -0.10 1.43
CA CYS A 4 -6.16 0.45 2.69
C CYS A 4 -6.76 1.83 3.01
N PRO A 5 -7.03 2.13 4.31
CA PRO A 5 -6.80 1.27 5.48
C PRO A 5 -7.81 0.12 5.55
N GLY A 6 -7.34 -1.05 6.00
CA GLY A 6 -8.20 -2.22 6.11
C GLY A 6 -7.49 -3.45 5.60
N ASP A 7 -7.20 -3.46 4.31
CA ASP A 7 -6.53 -4.59 3.67
C ASP A 7 -5.17 -4.22 3.07
N ALA A 8 -4.13 -4.91 3.50
CA ALA A 8 -2.79 -4.70 2.99
C ALA A 8 -2.53 -5.55 1.73
N TYR A 9 -3.35 -6.57 1.48
CA TYR A 9 -3.12 -7.46 0.34
C TYR A 9 -3.31 -6.72 -0.97
N GLN A 10 -4.42 -6.02 -1.12
CA GLN A 10 -4.68 -5.24 -2.33
C GLN A 10 -3.65 -4.12 -2.48
N CYS A 11 -3.19 -3.58 -1.35
CA CYS A 11 -2.15 -2.55 -1.35
C CYS A 11 -0.86 -3.13 -1.94
N SER A 12 -0.53 -4.35 -1.53
CA SER A 12 0.64 -5.05 -2.05
C SER A 12 0.48 -5.33 -3.53
N GLU A 13 -0.67 -5.81 -3.96
CA GLU A 13 -0.91 -6.08 -5.37
C GLU A 13 -0.77 -4.81 -6.21
N HIS A 14 -1.29 -3.71 -5.68
CA HIS A 14 -1.18 -2.42 -6.35
C HIS A 14 0.29 -2.03 -6.52
N CYS A 15 1.06 -2.17 -5.45
CA CYS A 15 2.49 -1.83 -5.52
C CYS A 15 3.23 -2.76 -6.48
N ARG A 16 2.96 -4.05 -6.44
CA ARG A 16 3.61 -5.00 -7.34
C ARG A 16 3.27 -4.69 -8.79
N ALA A 17 2.05 -4.23 -9.04
CA ALA A 17 1.63 -3.87 -10.39
C ALA A 17 2.40 -2.67 -10.94
N LEU A 18 2.83 -1.76 -10.07
CA LEU A 18 3.58 -0.58 -10.50
C LEU A 18 4.98 -0.94 -10.99
N GLY A 19 5.46 -2.13 -10.63
CA GLY A 19 6.79 -2.54 -11.05
C GLY A 19 7.19 -3.84 -10.41
N GLY A 20 7.71 -4.77 -11.22
CA GLY A 20 8.08 -6.09 -10.73
C GLY A 20 9.17 -6.14 -9.68
N GLY A 21 9.90 -5.04 -9.56
CA GLY A 21 10.93 -4.94 -8.53
C GLY A 21 10.30 -4.80 -7.15
N ARG A 22 9.08 -4.27 -7.11
CA ARG A 22 8.37 -4.11 -5.86
C ARG A 22 7.79 -5.45 -5.49
N THR A 23 8.05 -5.88 -4.28
CA THR A 23 7.60 -7.20 -3.83
C THR A 23 6.32 -7.10 -3.05
N GLY A 24 5.97 -5.88 -2.66
CA GLY A 24 4.75 -5.66 -1.91
C GLY A 24 4.61 -4.22 -1.50
N GLY A 25 3.86 -3.97 -0.45
CA GLY A 25 3.68 -2.63 0.06
C GLY A 25 3.02 -2.66 1.42
N TYR A 26 3.09 -1.52 2.11
CA TYR A 26 2.51 -1.35 3.43
C TYR A 26 1.74 -0.05 3.45
N CYS A 27 0.86 0.12 4.42
CA CYS A 27 0.01 1.30 4.49
C CYS A 27 0.45 2.26 5.60
N ALA A 28 0.40 3.54 5.28
CA ALA A 28 0.73 4.61 6.22
C ALA A 28 -0.22 5.75 5.86
N GLY A 29 -0.08 6.91 6.46
CA GLY A 29 -0.98 8.00 6.10
C GLY A 29 -0.65 9.35 6.71
N PRO A 30 -1.47 10.38 6.43
CA PRO A 30 -1.31 11.73 6.99
C PRO A 30 -1.58 11.80 8.47
N TRP A 31 -1.49 13.02 8.98
CA TRP A 31 -1.85 13.34 10.37
C TRP A 31 -3.33 13.13 10.70
N TYR A 32 -4.12 12.75 9.70
CA TYR A 32 -5.56 12.55 9.84
C TYR A 32 -5.94 11.27 9.12
N LEU A 33 -7.09 10.70 9.52
CA LEU A 33 -7.58 9.39 9.07
C LEU A 33 -6.58 8.31 9.54
N GLY A 34 -6.69 7.11 8.97
CA GLY A 34 -5.84 6.00 9.40
C GLY A 34 -4.63 5.83 8.50
N HIS A 35 -4.70 4.88 7.59
CA HIS A 35 -3.60 4.61 6.66
C HIS A 35 -4.01 4.60 5.19
N PRO A 36 -4.46 5.76 4.65
CA PRO A 36 -4.91 5.78 3.24
C PRO A 36 -3.79 5.67 2.20
N THR A 37 -2.55 5.93 2.60
CA THR A 37 -1.43 5.99 1.67
C THR A 37 -0.72 4.64 1.57
N CYS A 38 -0.72 4.06 0.38
CA CYS A 38 0.07 2.86 0.13
C CYS A 38 1.49 3.33 -0.15
N THR A 39 2.44 2.68 0.49
CA THR A 39 3.85 2.95 0.32
C THR A 39 4.45 1.61 -0.06
N CYS A 40 5.27 1.56 -1.09
CA CYS A 40 5.68 0.27 -1.65
C CYS A 40 7.00 -0.23 -1.12
N SER A 41 7.13 -1.55 -1.09
CA SER A 41 8.29 -2.22 -0.57
C SER A 41 8.94 -3.00 -1.70
N PHE A 42 10.23 -3.25 -1.55
CA PHE A 42 11.02 -4.03 -2.49
C PHE A 42 11.57 -5.13 -1.62
N GLY A 1 -6.49 4.30 -0.16
CA GLY A 1 -7.01 3.61 -1.35
C GLY A 1 -6.38 2.25 -1.50
N PHE A 2 -6.71 1.53 -2.58
CA PHE A 2 -6.14 0.20 -2.86
C PHE A 2 -6.33 -0.76 -1.69
N GLY A 3 -7.52 -0.72 -1.10
CA GLY A 3 -7.86 -1.60 0.00
C GLY A 3 -7.42 -1.10 1.37
N CYS A 4 -6.57 -0.08 1.41
CA CYS A 4 -6.07 0.41 2.67
C CYS A 4 -6.64 1.80 3.05
N PRO A 5 -6.89 2.06 4.36
CA PRO A 5 -6.68 1.13 5.49
C PRO A 5 -7.74 0.01 5.50
N GLY A 6 -7.32 -1.19 5.88
CA GLY A 6 -8.22 -2.33 5.91
C GLY A 6 -7.50 -3.59 5.48
N ASP A 7 -7.13 -3.65 4.20
CA ASP A 7 -6.44 -4.81 3.64
C ASP A 7 -5.09 -4.46 3.04
N ALA A 8 -4.05 -5.09 3.56
CA ALA A 8 -2.69 -4.90 3.06
C ALA A 8 -2.44 -5.69 1.78
N TYR A 9 -3.22 -6.74 1.53
CA TYR A 9 -2.98 -7.58 0.34
C TYR A 9 -3.27 -6.82 -0.94
N GLN A 10 -4.41 -6.15 -1.02
CA GLN A 10 -4.76 -5.36 -2.21
C GLN A 10 -3.74 -4.23 -2.40
N CYS A 11 -3.25 -3.67 -1.30
CA CYS A 11 -2.23 -2.63 -1.34
C CYS A 11 -0.94 -3.20 -1.94
N SER A 12 -0.60 -4.42 -1.53
CA SER A 12 0.57 -5.11 -2.06
C SER A 12 0.42 -5.39 -3.54
N GLU A 13 -0.74 -5.86 -3.97
CA GLU A 13 -0.98 -6.12 -5.39
C GLU A 13 -0.81 -4.84 -6.20
N HIS A 14 -1.36 -3.75 -5.69
CA HIS A 14 -1.24 -2.45 -6.34
C HIS A 14 0.23 -2.05 -6.48
N CYS A 15 0.99 -2.20 -5.40
CA CYS A 15 2.41 -1.87 -5.44
C CYS A 15 3.19 -2.76 -6.40
N ARG A 16 2.91 -4.06 -6.39
CA ARG A 16 3.60 -4.99 -7.29
C ARG A 16 3.30 -4.67 -8.75
N ALA A 17 2.08 -4.21 -9.03
CA ALA A 17 1.70 -3.80 -10.38
C ALA A 17 2.49 -2.59 -10.86
N LEU A 18 2.91 -1.72 -9.94
CA LEU A 18 3.69 -0.53 -10.31
C LEU A 18 5.11 -0.89 -10.75
N GLY A 19 5.56 -2.09 -10.42
CA GLY A 19 6.90 -2.50 -10.79
C GLY A 19 7.27 -3.83 -10.15
N GLY A 20 7.78 -4.75 -10.95
CA GLY A 20 8.12 -6.09 -10.45
C GLY A 20 9.24 -6.16 -9.44
N GLY A 21 9.98 -5.07 -9.30
CA GLY A 21 11.02 -5.00 -8.30
C GLY A 21 10.41 -4.90 -6.91
N ARG A 22 9.19 -4.41 -6.83
CA ARG A 22 8.49 -4.28 -5.58
C ARG A 22 7.93 -5.64 -5.21
N THR A 23 8.20 -6.08 -4.01
CA THR A 23 7.73 -7.38 -3.55
C THR A 23 6.37 -7.24 -2.90
N GLY A 24 6.04 -6.01 -2.52
CA GLY A 24 4.76 -5.74 -1.91
C GLY A 24 4.64 -4.30 -1.47
N GLY A 25 3.89 -4.06 -0.41
CA GLY A 25 3.71 -2.72 0.10
C GLY A 25 3.11 -2.73 1.49
N TYR A 26 3.13 -1.57 2.12
CA TYR A 26 2.59 -1.37 3.46
C TYR A 26 1.72 -0.12 3.39
N CYS A 27 0.95 0.14 4.42
CA CYS A 27 0.07 1.29 4.44
C CYS A 27 0.49 2.30 5.50
N ALA A 28 0.49 3.57 5.13
CA ALA A 28 0.83 4.66 6.02
C ALA A 28 -0.15 5.78 5.66
N GLY A 29 0.02 6.98 6.18
CA GLY A 29 -0.90 8.04 5.82
C GLY A 29 -0.53 9.41 6.32
N PRO A 30 -1.36 10.43 6.05
CA PRO A 30 -1.14 11.80 6.52
C PRO A 30 -1.26 11.95 8.02
N TRP A 31 -1.09 13.18 8.46
CA TRP A 31 -1.30 13.56 9.87
C TRP A 31 -2.77 13.44 10.31
N TYR A 32 -3.65 13.01 9.40
CA TYR A 32 -5.06 12.83 9.68
C TYR A 32 -5.50 11.54 8.98
N LEU A 33 -6.65 11.00 9.39
CA LEU A 33 -7.17 9.69 8.95
C LEU A 33 -6.22 8.58 9.43
N GLY A 34 -6.39 7.38 8.90
CA GLY A 34 -5.59 6.24 9.32
C GLY A 34 -4.41 5.99 8.40
N HIS A 35 -4.53 4.96 7.56
CA HIS A 35 -3.45 4.64 6.61
C HIS A 35 -3.91 4.56 5.14
N PRO A 36 -4.39 5.69 4.56
CA PRO A 36 -4.85 5.63 3.16
C PRO A 36 -3.76 5.52 2.09
N THR A 37 -2.52 5.83 2.45
CA THR A 37 -1.42 5.88 1.50
C THR A 37 -0.70 4.54 1.41
N CYS A 38 -0.70 3.96 0.23
CA CYS A 38 0.08 2.75 0.00
C CYS A 38 1.51 3.21 -0.26
N THR A 39 2.44 2.61 0.45
CA THR A 39 3.85 2.91 0.32
C THR A 39 4.47 1.56 0.01
N CYS A 40 5.29 1.48 -1.02
CA CYS A 40 5.69 0.17 -1.53
C CYS A 40 7.02 -0.30 -0.98
N SER A 41 7.17 -1.61 -0.94
CA SER A 41 8.34 -2.26 -0.36
C SER A 41 9.01 -3.11 -1.42
N PHE A 42 10.31 -3.31 -1.25
CA PHE A 42 11.13 -4.10 -2.16
C PHE A 42 11.74 -5.16 -1.26
N GLY A 1 -6.26 4.54 -0.16
CA GLY A 1 -6.79 3.94 -1.39
C GLY A 1 -6.24 2.56 -1.61
N PHE A 2 -6.60 1.91 -2.72
CA PHE A 2 -6.11 0.56 -3.05
C PHE A 2 -6.36 -0.44 -1.92
N GLY A 3 -7.55 -0.33 -1.34
CA GLY A 3 -7.97 -1.23 -0.28
C GLY A 3 -7.60 -0.77 1.11
N CYS A 4 -6.63 0.12 1.22
CA CYS A 4 -6.17 0.58 2.52
C CYS A 4 -6.72 1.95 2.92
N PRO A 5 -6.95 2.18 4.24
CA PRO A 5 -6.72 1.26 5.36
C PRO A 5 -7.72 0.10 5.43
N GLY A 6 -7.21 -1.09 5.68
CA GLY A 6 -8.04 -2.28 5.83
C GLY A 6 -7.41 -3.45 5.11
N ASP A 7 -7.38 -3.36 3.79
CA ASP A 7 -6.86 -4.44 2.94
C ASP A 7 -5.41 -4.16 2.52
N ALA A 8 -4.48 -4.66 3.32
CA ALA A 8 -3.06 -4.50 3.02
C ALA A 8 -2.62 -5.37 1.83
N TYR A 9 -3.35 -6.44 1.56
CA TYR A 9 -2.99 -7.33 0.46
C TYR A 9 -3.26 -6.64 -0.88
N GLN A 10 -4.41 -5.97 -0.99
CA GLN A 10 -4.74 -5.22 -2.20
C GLN A 10 -3.73 -4.09 -2.41
N CYS A 11 -3.28 -3.49 -1.32
CA CYS A 11 -2.25 -2.45 -1.38
C CYS A 11 -0.95 -3.03 -1.94
N SER A 12 -0.61 -4.24 -1.52
CA SER A 12 0.57 -4.94 -2.01
C SER A 12 0.45 -5.28 -3.48
N GLU A 13 -0.70 -5.78 -3.91
CA GLU A 13 -0.93 -6.09 -5.32
C GLU A 13 -0.80 -4.84 -6.17
N HIS A 14 -1.35 -3.73 -5.69
CA HIS A 14 -1.26 -2.46 -6.39
C HIS A 14 0.21 -2.07 -6.57
N CYS A 15 1.00 -2.16 -5.51
CA CYS A 15 2.42 -1.84 -5.59
C CYS A 15 3.16 -2.79 -6.54
N ARG A 16 2.90 -4.08 -6.43
CA ARG A 16 3.58 -5.05 -7.30
C ARG A 16 3.24 -4.81 -8.77
N ALA A 17 2.03 -4.36 -9.05
CA ALA A 17 1.63 -4.03 -10.41
C ALA A 17 2.43 -2.85 -10.99
N LEU A 18 2.86 -1.94 -10.13
CA LEU A 18 3.64 -0.78 -10.57
C LEU A 18 5.06 -1.18 -10.99
N GLY A 19 5.50 -2.36 -10.58
CA GLY A 19 6.84 -2.81 -10.91
C GLY A 19 7.24 -4.04 -10.14
N GLY A 20 7.78 -5.04 -10.83
CA GLY A 20 8.17 -6.29 -10.18
C GLY A 20 9.32 -6.20 -9.21
N GLY A 21 10.00 -5.07 -9.23
CA GLY A 21 11.07 -4.83 -8.28
C GLY A 21 10.50 -4.62 -6.89
N ARG A 22 9.23 -4.24 -6.83
CA ARG A 22 8.55 -4.05 -5.57
C ARG A 22 8.08 -5.40 -5.06
N THR A 23 8.45 -5.70 -3.83
CA THR A 23 8.08 -6.97 -3.22
C THR A 23 6.64 -6.95 -2.78
N GLY A 24 6.16 -5.75 -2.53
CA GLY A 24 4.80 -5.55 -2.05
C GLY A 24 4.61 -4.13 -1.60
N GLY A 25 3.78 -3.92 -0.60
CA GLY A 25 3.58 -2.59 -0.07
C GLY A 25 2.96 -2.67 1.31
N TYR A 26 3.05 -1.56 2.02
CA TYR A 26 2.49 -1.43 3.35
C TYR A 26 1.68 -0.15 3.39
N CYS A 27 0.77 -0.06 4.33
CA CYS A 27 -0.09 1.11 4.44
C CYS A 27 0.38 2.02 5.56
N ALA A 28 0.48 3.31 5.25
CA ALA A 28 0.86 4.32 6.22
C ALA A 28 -0.06 5.50 5.94
N GLY A 29 0.13 6.62 6.61
CA GLY A 29 -0.73 7.75 6.32
C GLY A 29 -0.30 9.01 7.05
N PRO A 30 -1.05 10.11 6.91
CA PRO A 30 -0.75 11.37 7.60
C PRO A 30 -0.93 11.28 9.10
N TRP A 31 -0.67 12.41 9.76
CA TRP A 31 -0.93 12.58 11.19
C TRP A 31 -2.42 12.55 11.53
N TYR A 32 -3.26 12.44 10.52
CA TYR A 32 -4.71 12.39 10.67
C TYR A 32 -5.22 11.25 9.78
N LEU A 33 -6.44 10.81 10.04
CA LEU A 33 -7.05 9.61 9.40
C LEU A 33 -6.23 8.38 9.81
N GLY A 34 -6.38 7.28 9.07
CA GLY A 34 -5.69 6.04 9.39
C GLY A 34 -4.48 5.82 8.51
N HIS A 35 -4.57 4.83 7.64
CA HIS A 35 -3.47 4.52 6.72
C HIS A 35 -3.88 4.55 5.23
N PRO A 36 -4.31 5.72 4.71
CA PRO A 36 -4.73 5.75 3.30
C PRO A 36 -3.61 5.66 2.26
N THR A 37 -2.38 5.93 2.69
CA THR A 37 -1.25 6.01 1.78
C THR A 37 -0.59 4.65 1.60
N CYS A 38 -0.65 4.13 0.39
CA CYS A 38 0.07 2.90 0.06
C CYS A 38 1.50 3.31 -0.22
N THR A 39 2.42 2.70 0.50
CA THR A 39 3.84 2.95 0.35
C THR A 39 4.41 1.61 -0.08
N CYS A 40 5.22 1.59 -1.12
CA CYS A 40 5.63 0.32 -1.70
C CYS A 40 6.98 -0.10 -1.16
N SER A 41 7.12 -1.40 -0.98
CA SER A 41 8.31 -2.01 -0.42
C SER A 41 9.07 -2.68 -1.54
N PHE A 42 10.36 -2.84 -1.35
CA PHE A 42 11.24 -3.53 -2.28
C PHE A 42 11.91 -4.58 -1.43
N GLY A 1 -6.20 4.46 -0.13
CA GLY A 1 -6.80 3.82 -1.32
C GLY A 1 -6.26 2.44 -1.52
N PHE A 2 -6.64 1.78 -2.62
CA PHE A 2 -6.16 0.43 -2.95
C PHE A 2 -6.39 -0.56 -1.81
N GLY A 3 -7.60 -0.52 -1.26
CA GLY A 3 -7.98 -1.42 -0.19
C GLY A 3 -7.59 -0.94 1.20
N CYS A 4 -6.73 0.07 1.28
CA CYS A 4 -6.27 0.55 2.59
C CYS A 4 -6.84 1.93 2.95
N PRO A 5 -7.15 2.17 4.24
CA PRO A 5 -7.04 1.23 5.37
C PRO A 5 -8.12 0.14 5.31
N GLY A 6 -7.77 -1.05 5.76
CA GLY A 6 -8.69 -2.18 5.72
C GLY A 6 -7.96 -3.43 5.31
N ASP A 7 -7.50 -3.47 4.08
CA ASP A 7 -6.73 -4.59 3.55
C ASP A 7 -5.38 -4.17 2.99
N ALA A 8 -4.33 -4.72 3.58
CA ALA A 8 -2.98 -4.45 3.12
C ALA A 8 -2.61 -5.29 1.87
N TYR A 9 -3.31 -6.37 1.63
CA TYR A 9 -2.97 -7.25 0.50
C TYR A 9 -3.24 -6.56 -0.83
N GLN A 10 -4.38 -5.91 -0.98
CA GLN A 10 -4.69 -5.17 -2.21
C GLN A 10 -3.67 -4.05 -2.42
N CYS A 11 -3.22 -3.43 -1.33
CA CYS A 11 -2.21 -2.38 -1.41
C CYS A 11 -0.90 -2.97 -1.93
N SER A 12 -0.56 -4.17 -1.47
CA SER A 12 0.62 -4.88 -1.94
C SER A 12 0.49 -5.25 -3.41
N GLU A 13 -0.67 -5.74 -3.83
CA GLU A 13 -0.90 -6.07 -5.24
C GLU A 13 -0.74 -4.84 -6.11
N HIS A 14 -1.29 -3.72 -5.67
CA HIS A 14 -1.18 -2.47 -6.38
C HIS A 14 0.30 -2.09 -6.56
N CYS A 15 1.07 -2.18 -5.48
CA CYS A 15 2.48 -1.88 -5.56
C CYS A 15 3.24 -2.83 -6.48
N ARG A 16 2.96 -4.13 -6.37
CA ARG A 16 3.62 -5.12 -7.23
C ARG A 16 3.30 -4.87 -8.71
N ALA A 17 2.09 -4.42 -8.99
CA ALA A 17 1.68 -4.12 -10.36
C ALA A 17 2.45 -2.93 -10.94
N LEU A 18 2.86 -1.99 -10.10
CA LEU A 18 3.62 -0.83 -10.56
C LEU A 18 5.04 -1.21 -11.02
N GLY A 19 5.51 -2.39 -10.63
CA GLY A 19 6.84 -2.79 -11.02
C GLY A 19 7.27 -4.07 -10.34
N GLY A 20 7.79 -5.02 -11.11
CA GLY A 20 8.18 -6.31 -10.56
C GLY A 20 9.30 -6.30 -9.55
N GLY A 21 10.00 -5.18 -9.47
CA GLY A 21 11.04 -5.02 -8.46
C GLY A 21 10.43 -4.87 -7.08
N ARG A 22 9.19 -4.40 -7.03
CA ARG A 22 8.48 -4.26 -5.78
C ARG A 22 7.93 -5.62 -5.39
N THR A 23 8.22 -6.04 -4.18
CA THR A 23 7.78 -7.35 -3.73
C THR A 23 6.48 -7.22 -2.99
N GLY A 24 6.11 -5.99 -2.63
CA GLY A 24 4.87 -5.75 -1.94
C GLY A 24 4.68 -4.30 -1.59
N GLY A 25 3.92 -4.05 -0.54
CA GLY A 25 3.69 -2.71 -0.06
C GLY A 25 3.02 -2.76 1.29
N TYR A 26 3.02 -1.61 1.97
CA TYR A 26 2.43 -1.47 3.29
C TYR A 26 1.61 -0.20 3.30
N CYS A 27 0.75 -0.05 4.30
CA CYS A 27 -0.11 1.13 4.41
C CYS A 27 0.36 1.99 5.58
N ALA A 28 0.37 3.29 5.36
CA ALA A 28 0.73 4.27 6.39
C ALA A 28 -0.18 5.47 6.13
N GLY A 29 0.04 6.59 6.82
CA GLY A 29 -0.80 7.74 6.56
C GLY A 29 -0.41 8.99 7.31
N PRO A 30 -1.17 10.09 7.15
CA PRO A 30 -0.96 11.36 7.86
C PRO A 30 -1.25 11.29 9.35
N TRP A 31 -1.15 12.44 9.98
CA TRP A 31 -1.52 12.63 11.38
C TRP A 31 -3.01 12.40 11.68
N TYR A 32 -3.79 12.11 10.65
CA TYR A 32 -5.24 11.94 10.77
C TYR A 32 -5.66 10.75 9.91
N LEU A 33 -6.84 10.22 10.23
CA LEU A 33 -7.39 8.99 9.63
C LEU A 33 -6.50 7.81 10.03
N GLY A 34 -6.64 6.68 9.34
CA GLY A 34 -5.87 5.49 9.68
C GLY A 34 -4.63 5.35 8.84
N HIS A 35 -4.70 4.52 7.82
CA HIS A 35 -3.57 4.30 6.92
C HIS A 35 -3.98 4.46 5.43
N PRO A 36 -4.37 5.67 5.00
CA PRO A 36 -4.83 5.83 3.61
C PRO A 36 -3.74 5.76 2.53
N THR A 37 -2.49 5.96 2.93
CA THR A 37 -1.38 6.07 1.99
C THR A 37 -0.71 4.72 1.76
N CYS A 38 -0.76 4.24 0.53
CA CYS A 38 -0.03 3.03 0.17
C CYS A 38 1.42 3.44 -0.07
N THR A 39 2.35 2.68 0.47
CA THR A 39 3.76 2.92 0.32
C THR A 39 4.33 1.58 -0.10
N CYS A 40 5.19 1.56 -1.11
CA CYS A 40 5.60 0.29 -1.69
C CYS A 40 6.91 -0.19 -1.12
N SER A 41 7.07 -1.50 -1.13
CA SER A 41 8.25 -2.16 -0.59
C SER A 41 8.91 -2.96 -1.69
N PHE A 42 10.21 -3.17 -1.53
CA PHE A 42 11.01 -3.95 -2.45
C PHE A 42 11.56 -5.05 -1.56
N GLY A 1 -6.34 4.29 -0.58
CA GLY A 1 -7.02 3.55 -1.66
C GLY A 1 -6.46 2.17 -1.82
N PHE A 2 -6.90 1.43 -2.84
CA PHE A 2 -6.39 0.07 -3.12
C PHE A 2 -6.51 -0.84 -1.90
N GLY A 3 -7.68 -0.78 -1.27
CA GLY A 3 -7.98 -1.62 -0.13
C GLY A 3 -7.61 -0.98 1.19
N CYS A 4 -6.66 -0.05 1.15
CA CYS A 4 -6.21 0.59 2.39
C CYS A 4 -6.88 1.94 2.63
N PRO A 5 -7.14 2.31 3.91
CA PRO A 5 -6.84 1.54 5.13
C PRO A 5 -7.75 0.32 5.34
N GLY A 6 -7.14 -0.81 5.64
CA GLY A 6 -7.89 -2.03 5.91
C GLY A 6 -7.20 -3.24 5.30
N ASP A 7 -7.18 -3.29 4.00
CA ASP A 7 -6.60 -4.43 3.26
C ASP A 7 -5.19 -4.13 2.76
N ALA A 8 -4.20 -4.59 3.51
CA ALA A 8 -2.80 -4.41 3.15
C ALA A 8 -2.40 -5.29 1.96
N TYR A 9 -3.11 -6.39 1.73
CA TYR A 9 -2.77 -7.29 0.63
C TYR A 9 -3.09 -6.65 -0.71
N GLN A 10 -4.26 -6.03 -0.82
CA GLN A 10 -4.63 -5.34 -2.06
C GLN A 10 -3.66 -4.17 -2.32
N CYS A 11 -3.21 -3.54 -1.25
CA CYS A 11 -2.21 -2.49 -1.36
C CYS A 11 -0.88 -3.07 -1.91
N SER A 12 -0.52 -4.25 -1.44
CA SER A 12 0.68 -4.95 -1.93
C SER A 12 0.54 -5.29 -3.40
N GLU A 13 -0.63 -5.76 -3.82
CA GLU A 13 -0.87 -6.06 -5.23
C GLU A 13 -0.71 -4.80 -6.08
N HIS A 14 -1.26 -3.68 -5.61
CA HIS A 14 -1.13 -2.42 -6.31
C HIS A 14 0.33 -2.01 -6.44
N CYS A 15 1.08 -2.14 -5.37
CA CYS A 15 2.51 -1.81 -5.40
C CYS A 15 3.26 -2.71 -6.38
N ARG A 16 2.99 -4.00 -6.34
CA ARG A 16 3.62 -4.95 -7.28
C ARG A 16 3.29 -4.60 -8.73
N ALA A 17 2.06 -4.15 -8.97
CA ALA A 17 1.63 -3.76 -10.31
C ALA A 17 2.37 -2.52 -10.81
N LEU A 18 2.76 -1.62 -9.90
CA LEU A 18 3.49 -0.40 -10.28
C LEU A 18 4.89 -0.72 -10.79
N GLY A 19 5.40 -1.91 -10.48
CA GLY A 19 6.73 -2.27 -10.91
C GLY A 19 7.17 -3.60 -10.35
N GLY A 20 7.71 -4.46 -11.21
CA GLY A 20 8.13 -5.79 -10.78
C GLY A 20 9.27 -5.82 -9.78
N GLY A 21 9.93 -4.70 -9.62
CA GLY A 21 10.98 -4.59 -8.62
C GLY A 21 10.40 -4.54 -7.22
N ARG A 22 9.14 -4.13 -7.11
CA ARG A 22 8.46 -4.07 -5.83
C ARG A 22 7.92 -5.44 -5.50
N THR A 23 8.25 -5.93 -4.33
CA THR A 23 7.81 -7.26 -3.92
C THR A 23 6.51 -7.17 -3.16
N GLY A 24 6.16 -5.98 -2.72
CA GLY A 24 4.93 -5.77 -1.98
C GLY A 24 4.76 -4.34 -1.54
N GLY A 25 4.00 -4.14 -0.48
CA GLY A 25 3.78 -2.81 0.05
C GLY A 25 3.00 -2.84 1.34
N TYR A 26 3.02 -1.72 2.04
CA TYR A 26 2.35 -1.56 3.33
C TYR A 26 1.62 -0.21 3.30
N CYS A 27 0.82 0.08 4.31
CA CYS A 27 0.05 1.33 4.32
C CYS A 27 0.50 2.30 5.39
N ALA A 28 0.38 3.58 5.09
CA ALA A 28 0.70 4.67 6.01
C ALA A 28 -0.23 5.79 5.57
N GLY A 29 -0.07 7.00 6.08
CA GLY A 29 -0.94 8.08 5.64
C GLY A 29 -0.45 9.47 5.96
N PRO A 30 -1.16 10.50 5.47
CA PRO A 30 -0.81 11.91 5.75
C PRO A 30 -1.04 12.29 7.20
N TRP A 31 -0.81 13.56 7.46
CA TRP A 31 -1.11 14.20 8.75
C TRP A 31 -2.62 14.25 9.07
N TYR A 32 -3.44 13.72 8.16
CA TYR A 32 -4.88 13.67 8.33
C TYR A 32 -5.34 12.29 7.83
N LEU A 33 -6.53 11.87 8.29
CA LEU A 33 -7.09 10.53 8.02
C LEU A 33 -6.21 9.43 8.64
N GLY A 34 -6.47 8.18 8.28
CA GLY A 34 -5.75 7.05 8.86
C GLY A 34 -4.57 6.61 8.01
N HIS A 35 -4.73 5.50 7.28
CA HIS A 35 -3.66 5.01 6.42
C HIS A 35 -4.06 4.84 4.94
N PRO A 36 -4.46 5.94 4.25
CA PRO A 36 -4.86 5.77 2.85
C PRO A 36 -3.71 5.58 1.84
N THR A 37 -2.50 5.92 2.25
CA THR A 37 -1.34 5.92 1.35
C THR A 37 -0.69 4.56 1.28
N CYS A 38 -0.59 4.01 0.07
CA CYS A 38 0.18 2.80 -0.14
C CYS A 38 1.63 3.23 -0.27
N THR A 39 2.49 2.58 0.51
CA THR A 39 3.91 2.84 0.50
C THR A 39 4.52 1.50 0.12
N CYS A 40 5.32 1.49 -0.92
CA CYS A 40 5.71 0.22 -1.52
C CYS A 40 7.05 -0.26 -1.05
N SER A 41 7.18 -1.58 -1.04
CA SER A 41 8.37 -2.25 -0.53
C SER A 41 9.01 -2.99 -1.70
N PHE A 42 10.33 -3.01 -1.70
CA PHE A 42 11.10 -3.71 -2.70
C PHE A 42 11.74 -4.86 -1.95
N GLY A 1 -6.04 4.61 -0.30
CA GLY A 1 -6.71 3.99 -1.46
C GLY A 1 -6.16 2.61 -1.72
N PHE A 2 -6.56 1.99 -2.83
CA PHE A 2 -6.06 0.66 -3.22
C PHE A 2 -6.31 -0.39 -2.12
N GLY A 3 -7.49 -0.30 -1.54
CA GLY A 3 -7.90 -1.23 -0.49
C GLY A 3 -7.57 -0.73 0.90
N CYS A 4 -6.57 0.13 0.99
CA CYS A 4 -6.15 0.65 2.29
C CYS A 4 -6.79 2.01 2.62
N PRO A 5 -7.06 2.29 3.91
CA PRO A 5 -6.81 1.43 5.09
C PRO A 5 -7.78 0.25 5.20
N GLY A 6 -7.22 -0.93 5.47
CA GLY A 6 -8.02 -2.13 5.67
C GLY A 6 -7.37 -3.30 4.95
N ASP A 7 -7.37 -3.23 3.64
CA ASP A 7 -6.85 -4.32 2.81
C ASP A 7 -5.40 -4.07 2.37
N ALA A 8 -4.47 -4.55 3.19
CA ALA A 8 -3.05 -4.41 2.90
C ALA A 8 -2.62 -5.32 1.74
N TYR A 9 -3.36 -6.39 1.50
CA TYR A 9 -3.02 -7.32 0.42
C TYR A 9 -3.24 -6.64 -0.93
N GLN A 10 -4.36 -5.95 -1.07
CA GLN A 10 -4.67 -5.21 -2.28
C GLN A 10 -3.65 -4.07 -2.49
N CYS A 11 -3.22 -3.45 -1.40
CA CYS A 11 -2.20 -2.41 -1.47
C CYS A 11 -0.88 -3.00 -2.01
N SER A 12 -0.55 -4.20 -1.54
CA SER A 12 0.64 -4.91 -2.01
C SER A 12 0.52 -5.26 -3.49
N GLU A 13 -0.63 -5.75 -3.91
CA GLU A 13 -0.85 -6.08 -5.30
C GLU A 13 -0.74 -4.85 -6.19
N HIS A 14 -1.28 -3.72 -5.72
CA HIS A 14 -1.16 -2.46 -6.43
C HIS A 14 0.30 -2.06 -6.58
N CYS A 15 1.06 -2.14 -5.49
CA CYS A 15 2.47 -1.81 -5.54
C CYS A 15 3.23 -2.73 -6.50
N ARG A 16 2.94 -4.02 -6.44
CA ARG A 16 3.58 -4.98 -7.36
C ARG A 16 3.25 -4.67 -8.82
N ALA A 17 2.03 -4.20 -9.08
CA ALA A 17 1.62 -3.82 -10.42
C ALA A 17 2.40 -2.60 -10.93
N LEU A 18 2.79 -1.70 -10.03
CA LEU A 18 3.56 -0.51 -10.41
C LEU A 18 4.97 -0.88 -10.88
N GLY A 19 5.42 -2.08 -10.55
CA GLY A 19 6.75 -2.51 -10.93
C GLY A 19 7.11 -3.81 -10.26
N GLY A 20 7.53 -4.80 -11.04
CA GLY A 20 7.84 -6.12 -10.49
C GLY A 20 9.01 -6.20 -9.54
N GLY A 21 9.78 -5.12 -9.49
CA GLY A 21 10.88 -5.04 -8.53
C GLY A 21 10.34 -4.88 -7.12
N ARG A 22 9.12 -4.39 -7.00
CA ARG A 22 8.48 -4.22 -5.71
C ARG A 22 7.95 -5.57 -5.27
N THR A 23 8.30 -5.98 -4.06
CA THR A 23 7.86 -7.25 -3.53
C THR A 23 6.45 -7.13 -2.99
N GLY A 24 6.08 -5.91 -2.66
CA GLY A 24 4.77 -5.65 -2.10
C GLY A 24 4.65 -4.22 -1.63
N GLY A 25 3.86 -4.01 -0.59
CA GLY A 25 3.69 -2.68 -0.04
C GLY A 25 2.97 -2.72 1.28
N TYR A 26 3.02 -1.61 2.00
CA TYR A 26 2.38 -1.47 3.30
C TYR A 26 1.62 -0.15 3.30
N CYS A 27 0.77 0.05 4.30
CA CYS A 27 -0.04 1.26 4.37
C CYS A 27 0.35 2.11 5.56
N ALA A 28 0.38 3.42 5.35
CA ALA A 28 0.69 4.38 6.41
C ALA A 28 -0.13 5.63 6.07
N GLY A 29 0.09 6.73 6.75
CA GLY A 29 -0.65 7.93 6.42
C GLY A 29 -0.18 9.14 7.21
N PRO A 30 -0.85 10.29 7.08
CA PRO A 30 -0.52 11.52 7.83
C PRO A 30 -0.81 11.39 9.31
N TRP A 31 -0.54 12.47 10.01
CA TRP A 31 -0.89 12.62 11.44
C TRP A 31 -2.41 12.63 11.69
N TYR A 32 -3.19 12.58 10.62
CA TYR A 32 -4.64 12.54 10.68
C TYR A 32 -5.11 11.43 9.75
N LEU A 33 -6.31 10.91 10.04
CA LEU A 33 -6.89 9.72 9.37
C LEU A 33 -6.06 8.48 9.73
N GLY A 34 -6.35 7.35 9.09
CA GLY A 34 -5.67 6.10 9.42
C GLY A 34 -4.48 5.85 8.51
N HIS A 35 -4.65 4.91 7.57
CA HIS A 35 -3.56 4.58 6.63
C HIS A 35 -3.97 4.74 5.14
N PRO A 36 -4.31 5.97 4.71
CA PRO A 36 -4.70 6.12 3.30
C PRO A 36 -3.59 5.96 2.27
N THR A 37 -2.34 6.13 2.71
CA THR A 37 -1.19 6.16 1.83
C THR A 37 -0.56 4.79 1.67
N CYS A 38 -0.60 4.25 0.46
CA CYS A 38 0.12 3.02 0.14
C CYS A 38 1.56 3.42 -0.11
N THR A 39 2.49 2.69 0.51
CA THR A 39 3.91 2.92 0.35
C THR A 39 4.47 1.57 -0.03
N CYS A 40 5.31 1.51 -1.05
CA CYS A 40 5.71 0.22 -1.60
C CYS A 40 7.03 -0.26 -1.06
N SER A 41 7.16 -1.58 -1.03
CA SER A 41 8.33 -2.24 -0.47
C SER A 41 9.03 -3.01 -1.58
N PHE A 42 10.32 -3.23 -1.39
CA PHE A 42 11.14 -3.99 -2.32
C PHE A 42 11.73 -5.09 -1.45
N GLY A 1 -6.58 4.21 0.11
CA GLY A 1 -6.76 3.73 -1.27
C GLY A 1 -6.25 2.33 -1.43
N PHE A 2 -6.66 1.65 -2.50
CA PHE A 2 -6.22 0.28 -2.79
C PHE A 2 -6.49 -0.67 -1.63
N GLY A 3 -7.67 -0.53 -1.07
CA GLY A 3 -8.12 -1.42 0.00
C GLY A 3 -7.69 -0.97 1.38
N CYS A 4 -6.67 -0.14 1.45
CA CYS A 4 -6.17 0.32 2.74
C CYS A 4 -6.84 1.64 3.17
N PRO A 5 -7.07 1.84 4.49
CA PRO A 5 -6.75 0.92 5.60
C PRO A 5 -7.70 -0.28 5.70
N GLY A 6 -7.13 -1.45 5.96
CA GLY A 6 -7.89 -2.67 6.14
C GLY A 6 -7.31 -3.78 5.31
N ASP A 7 -7.38 -3.61 4.00
CA ASP A 7 -6.89 -4.61 3.05
C ASP A 7 -5.47 -4.27 2.58
N ALA A 8 -4.49 -4.78 3.30
CA ALA A 8 -3.09 -4.58 2.95
C ALA A 8 -2.68 -5.44 1.75
N TYR A 9 -3.45 -6.48 1.45
CA TYR A 9 -3.11 -7.36 0.34
C TYR A 9 -3.37 -6.66 -0.99
N GLN A 10 -4.50 -5.99 -1.11
CA GLN A 10 -4.80 -5.21 -2.32
C GLN A 10 -3.78 -4.08 -2.49
N CYS A 11 -3.32 -3.52 -1.38
CA CYS A 11 -2.29 -2.49 -1.41
C CYS A 11 -0.97 -3.08 -1.97
N SER A 12 -0.65 -4.29 -1.55
CA SER A 12 0.52 -5.01 -2.05
C SER A 12 0.38 -5.31 -3.53
N GLU A 13 -0.79 -5.76 -3.97
CA GLU A 13 -1.02 -6.04 -5.38
C GLU A 13 -0.84 -4.79 -6.22
N HIS A 14 -1.35 -3.66 -5.72
CA HIS A 14 -1.20 -2.38 -6.41
C HIS A 14 0.28 -2.04 -6.59
N CYS A 15 1.06 -2.18 -5.53
CA CYS A 15 2.48 -1.91 -5.61
C CYS A 15 3.21 -2.86 -6.54
N ARG A 16 2.91 -4.15 -6.44
CA ARG A 16 3.54 -5.14 -7.31
C ARG A 16 3.24 -4.89 -8.79
N ALA A 17 2.04 -4.38 -9.07
CA ALA A 17 1.66 -4.04 -10.44
C ALA A 17 2.52 -2.89 -11.00
N LEU A 18 2.96 -1.98 -10.14
CA LEU A 18 3.80 -0.85 -10.57
C LEU A 18 5.21 -1.31 -10.94
N GLY A 19 5.59 -2.51 -10.55
CA GLY A 19 6.92 -3.00 -10.83
C GLY A 19 7.24 -4.28 -10.11
N GLY A 20 7.77 -5.28 -10.82
CA GLY A 20 8.09 -6.56 -10.21
C GLY A 20 9.23 -6.53 -9.21
N GLY A 21 9.94 -5.42 -9.19
CA GLY A 21 11.00 -5.24 -8.21
C GLY A 21 10.41 -5.02 -6.83
N ARG A 22 9.15 -4.59 -6.79
CA ARG A 22 8.46 -4.38 -5.54
C ARG A 22 7.94 -5.70 -5.03
N THR A 23 8.29 -6.02 -3.80
CA THR A 23 7.89 -7.29 -3.21
C THR A 23 6.45 -7.20 -2.73
N GLY A 24 6.03 -5.98 -2.44
CA GLY A 24 4.70 -5.74 -1.92
C GLY A 24 4.55 -4.30 -1.48
N GLY A 25 3.78 -4.07 -0.44
CA GLY A 25 3.60 -2.73 0.08
C GLY A 25 3.05 -2.75 1.49
N TYR A 26 3.12 -1.60 2.13
CA TYR A 26 2.62 -1.41 3.49
C TYR A 26 1.71 -0.18 3.44
N CYS A 27 0.96 0.05 4.50
CA CYS A 27 0.06 1.20 4.54
C CYS A 27 0.46 2.13 5.69
N ALA A 28 0.37 3.42 5.44
CA ALA A 28 0.66 4.46 6.42
C ALA A 28 -0.34 5.56 6.11
N GLY A 29 -0.24 6.73 6.73
CA GLY A 29 -1.18 7.78 6.41
C GLY A 29 -0.86 9.12 7.02
N PRO A 30 -1.72 10.14 6.81
CA PRO A 30 -1.56 11.47 7.39
C PRO A 30 -1.73 11.50 8.90
N TRP A 31 -1.64 12.70 9.44
CA TRP A 31 -1.91 12.98 10.86
C TRP A 31 -3.38 12.76 11.24
N TYR A 32 -4.20 12.36 10.29
CA TYR A 32 -5.62 12.13 10.50
C TYR A 32 -6.01 10.87 9.72
N LEU A 33 -7.15 10.29 10.09
CA LEU A 33 -7.64 8.99 9.57
C LEU A 33 -6.65 7.89 9.97
N GLY A 34 -6.74 6.73 9.33
CA GLY A 34 -5.89 5.60 9.68
C GLY A 34 -4.70 5.47 8.77
N HIS A 35 -4.75 4.51 7.85
CA HIS A 35 -3.66 4.27 6.91
C HIS A 35 -4.09 4.28 5.43
N PRO A 36 -4.58 5.43 4.92
CA PRO A 36 -5.03 5.45 3.52
C PRO A 36 -3.92 5.41 2.45
N THR A 37 -2.69 5.72 2.86
CA THR A 37 -1.58 5.86 1.92
C THR A 37 -0.83 4.54 1.74
N CYS A 38 -0.81 4.03 0.53
CA CYS A 38 0.01 2.87 0.20
C CYS A 38 1.43 3.34 -0.03
N THR A 39 2.38 2.60 0.54
CA THR A 39 3.79 2.87 0.37
C THR A 39 4.39 1.53 -0.02
N CYS A 40 5.22 1.48 -1.04
CA CYS A 40 5.64 0.20 -1.60
C CYS A 40 6.95 -0.28 -1.04
N SER A 41 7.07 -1.60 -0.95
CA SER A 41 8.25 -2.25 -0.41
C SER A 41 8.98 -2.95 -1.54
N PHE A 42 10.27 -3.15 -1.36
CA PHE A 42 11.12 -3.87 -2.30
C PHE A 42 11.74 -4.95 -1.43
N GLY A 1 -6.28 4.10 -0.27
CA GLY A 1 -7.02 3.33 -1.28
C GLY A 1 -6.44 1.95 -1.44
N PHE A 2 -6.90 1.21 -2.45
CA PHE A 2 -6.39 -0.14 -2.74
C PHE A 2 -6.46 -1.05 -1.51
N GLY A 3 -7.64 -1.08 -0.90
CA GLY A 3 -7.90 -1.93 0.25
C GLY A 3 -7.56 -1.26 1.56
N CYS A 4 -6.68 -0.28 1.52
CA CYS A 4 -6.22 0.37 2.75
C CYS A 4 -6.81 1.76 2.97
N PRO A 5 -7.04 2.16 4.25
CA PRO A 5 -6.81 1.38 5.48
C PRO A 5 -7.81 0.23 5.65
N GLY A 6 -7.31 -0.91 6.10
CA GLY A 6 -8.14 -2.09 6.29
C GLY A 6 -7.42 -3.35 5.83
N ASP A 7 -7.18 -3.43 4.54
CA ASP A 7 -6.48 -4.57 3.93
C ASP A 7 -5.17 -4.16 3.27
N ALA A 8 -4.10 -4.86 3.62
CA ALA A 8 -2.79 -4.61 3.05
C ALA A 8 -2.53 -5.48 1.80
N TYR A 9 -3.34 -6.52 1.58
CA TYR A 9 -3.10 -7.42 0.45
C TYR A 9 -3.28 -6.70 -0.89
N GLN A 10 -4.41 -6.01 -1.04
CA GLN A 10 -4.67 -5.28 -2.28
C GLN A 10 -3.66 -4.11 -2.43
N CYS A 11 -3.23 -3.58 -1.30
CA CYS A 11 -2.21 -2.51 -1.30
C CYS A 11 -0.90 -3.08 -1.87
N SER A 12 -0.56 -4.30 -1.47
CA SER A 12 0.61 -5.00 -1.99
C SER A 12 0.46 -5.28 -3.48
N GLU A 13 -0.72 -5.74 -3.90
CA GLU A 13 -0.97 -6.01 -5.31
C GLU A 13 -0.79 -4.75 -6.15
N HIS A 14 -1.30 -3.63 -5.65
CA HIS A 14 -1.16 -2.36 -6.36
C HIS A 14 0.31 -1.98 -6.49
N CYS A 15 1.06 -2.09 -5.40
CA CYS A 15 2.48 -1.77 -5.43
C CYS A 15 3.24 -2.68 -6.39
N ARG A 16 2.95 -3.97 -6.38
CA ARG A 16 3.59 -4.92 -7.28
C ARG A 16 3.29 -4.57 -8.75
N ALA A 17 2.08 -4.12 -9.02
CA ALA A 17 1.69 -3.73 -10.36
C ALA A 17 2.48 -2.51 -10.87
N LEU A 18 2.87 -1.62 -9.96
CA LEU A 18 3.63 -0.42 -10.33
C LEU A 18 5.05 -0.75 -10.78
N GLY A 19 5.54 -1.93 -10.46
CA GLY A 19 6.88 -2.32 -10.86
C GLY A 19 7.30 -3.64 -10.25
N GLY A 20 7.87 -4.53 -11.07
CA GLY A 20 8.25 -5.85 -10.60
C GLY A 20 9.34 -5.91 -9.56
N GLY A 21 10.05 -4.81 -9.38
CA GLY A 21 11.06 -4.73 -8.34
C GLY A 21 10.42 -4.66 -6.97
N ARG A 22 9.17 -4.22 -6.92
CA ARG A 22 8.44 -4.11 -5.67
C ARG A 22 7.87 -5.47 -5.33
N THR A 23 8.13 -5.93 -4.13
CA THR A 23 7.65 -7.24 -3.70
C THR A 23 6.28 -7.11 -3.07
N GLY A 24 5.93 -5.89 -2.69
CA GLY A 24 4.66 -5.64 -2.04
C GLY A 24 4.59 -4.23 -1.53
N GLY A 25 3.84 -4.01 -0.46
CA GLY A 25 3.72 -2.69 0.11
C GLY A 25 3.04 -2.73 1.46
N TYR A 26 3.11 -1.62 2.17
CA TYR A 26 2.50 -1.46 3.49
C TYR A 26 1.71 -0.17 3.47
N CYS A 27 0.81 0.00 4.43
CA CYS A 27 -0.02 1.20 4.48
C CYS A 27 0.47 2.20 5.51
N ALA A 28 0.39 3.47 5.19
CA ALA A 28 0.77 4.56 6.07
C ALA A 28 -0.15 5.72 5.70
N GLY A 29 0.02 6.89 6.29
CA GLY A 29 -0.83 8.00 5.91
C GLY A 29 -0.39 9.34 6.46
N PRO A 30 -1.12 10.43 6.15
CA PRO A 30 -0.83 11.78 6.63
C PRO A 30 -1.05 11.97 8.12
N TRP A 31 -0.86 13.21 8.55
CA TRP A 31 -1.17 13.65 9.91
C TRP A 31 -2.68 13.57 10.24
N TYR A 32 -3.49 13.17 9.27
CA TYR A 32 -4.93 13.08 9.43
C TYR A 32 -5.40 11.80 8.76
N LEU A 33 -6.60 11.35 9.14
CA LEU A 33 -7.18 10.06 8.71
C LEU A 33 -6.31 8.91 9.20
N GLY A 34 -6.50 7.72 8.65
CA GLY A 34 -5.77 6.54 9.09
C GLY A 34 -4.57 6.25 8.22
N HIS A 35 -4.66 5.20 7.41
CA HIS A 35 -3.57 4.83 6.51
C HIS A 35 -4.00 4.75 5.03
N PRO A 36 -4.41 5.89 4.42
CA PRO A 36 -4.83 5.84 3.02
C PRO A 36 -3.70 5.65 1.99
N THR A 37 -2.48 5.91 2.39
CA THR A 37 -1.34 5.91 1.48
C THR A 37 -0.68 4.52 1.43
N CYS A 38 -0.57 3.99 0.23
CA CYS A 38 0.19 2.76 0.02
C CYS A 38 1.64 3.16 -0.22
N THR A 39 2.53 2.63 0.58
CA THR A 39 3.95 2.88 0.46
C THR A 39 4.54 1.52 0.09
N CYS A 40 5.36 1.47 -0.94
CA CYS A 40 5.74 0.19 -1.51
C CYS A 40 7.07 -0.32 -0.98
N SER A 41 7.19 -1.64 -0.95
CA SER A 41 8.34 -2.32 -0.40
C SER A 41 9.08 -3.05 -1.52
N PHE A 42 10.38 -3.16 -1.37
CA PHE A 42 11.24 -3.87 -2.31
C PHE A 42 11.92 -4.98 -1.52
N GLY A 1 -6.75 4.25 0.24
CA GLY A 1 -7.05 3.67 -1.07
C GLY A 1 -6.40 2.33 -1.24
N PHE A 2 -6.72 1.63 -2.33
CA PHE A 2 -6.13 0.32 -2.63
C PHE A 2 -6.33 -0.69 -1.49
N GLY A 3 -7.52 -0.66 -0.92
CA GLY A 3 -7.88 -1.58 0.16
C GLY A 3 -7.53 -1.08 1.55
N CYS A 4 -6.58 -0.17 1.63
CA CYS A 4 -6.10 0.30 2.93
C CYS A 4 -6.68 1.66 3.35
N PRO A 5 -6.87 1.89 4.67
CA PRO A 5 -6.61 0.96 5.78
C PRO A 5 -7.67 -0.14 5.86
N GLY A 6 -7.21 -1.36 6.13
CA GLY A 6 -8.10 -2.50 6.24
C GLY A 6 -7.48 -3.70 5.57
N ASP A 7 -7.36 -3.63 4.25
CA ASP A 7 -6.76 -4.72 3.49
C ASP A 7 -5.37 -4.37 2.96
N ALA A 8 -4.37 -5.04 3.48
CA ALA A 8 -3.00 -4.86 3.03
C ALA A 8 -2.73 -5.66 1.74
N TYR A 9 -3.57 -6.62 1.42
CA TYR A 9 -3.33 -7.48 0.26
C TYR A 9 -3.48 -6.71 -1.05
N GLN A 10 -4.58 -5.99 -1.22
CA GLN A 10 -4.77 -5.19 -2.42
C GLN A 10 -3.73 -4.08 -2.49
N CYS A 11 -3.29 -3.59 -1.34
CA CYS A 11 -2.24 -2.58 -1.28
C CYS A 11 -0.93 -3.16 -1.84
N SER A 12 -0.63 -4.39 -1.47
CA SER A 12 0.55 -5.09 -1.97
C SER A 12 0.42 -5.35 -3.47
N GLU A 13 -0.73 -5.81 -3.93
CA GLU A 13 -0.93 -6.05 -5.36
C GLU A 13 -0.81 -4.77 -6.15
N HIS A 14 -1.33 -3.67 -5.62
CA HIS A 14 -1.22 -2.37 -6.25
C HIS A 14 0.26 -1.99 -6.41
N CYS A 15 1.03 -2.17 -5.34
CA CYS A 15 2.45 -1.87 -5.41
C CYS A 15 3.18 -2.79 -6.39
N ARG A 16 2.90 -4.09 -6.34
CA ARG A 16 3.54 -5.04 -7.26
C ARG A 16 3.21 -4.72 -8.72
N ALA A 17 2.01 -4.20 -8.96
CA ALA A 17 1.60 -3.81 -10.31
C ALA A 17 2.41 -2.61 -10.83
N LEU A 18 2.86 -1.74 -9.93
CA LEU A 18 3.66 -0.57 -10.31
C LEU A 18 5.06 -0.98 -10.74
N GLY A 19 5.47 -2.19 -10.41
CA GLY A 19 6.78 -2.66 -10.79
C GLY A 19 7.09 -4.00 -10.17
N GLY A 20 7.52 -4.97 -10.98
CA GLY A 20 7.81 -6.31 -10.48
C GLY A 20 8.94 -6.42 -9.49
N GLY A 21 9.74 -5.37 -9.40
CA GLY A 21 10.81 -5.32 -8.41
C GLY A 21 10.26 -5.13 -7.02
N ARG A 22 9.05 -4.57 -6.92
CA ARG A 22 8.40 -4.38 -5.64
C ARG A 22 7.84 -5.72 -5.21
N THR A 23 8.17 -6.11 -4.00
CA THR A 23 7.72 -7.40 -3.48
C THR A 23 6.36 -7.25 -2.83
N GLY A 24 6.01 -6.02 -2.51
CA GLY A 24 4.74 -5.74 -1.89
C GLY A 24 4.64 -4.30 -1.47
N GLY A 25 3.89 -4.04 -0.41
CA GLY A 25 3.74 -2.68 0.09
C GLY A 25 3.14 -2.68 1.47
N TYR A 26 3.21 -1.54 2.13
CA TYR A 26 2.69 -1.35 3.47
C TYR A 26 1.80 -0.11 3.45
N CYS A 27 0.97 0.06 4.46
CA CYS A 27 0.06 1.19 4.52
C CYS A 27 0.54 2.21 5.56
N ALA A 28 0.55 3.47 5.17
CA ALA A 28 0.92 4.58 6.03
C ALA A 28 -0.11 5.66 5.74
N GLY A 29 -0.01 6.83 6.34
CA GLY A 29 -0.98 7.86 6.05
C GLY A 29 -0.67 9.20 6.70
N PRO A 30 -1.59 10.18 6.57
CA PRO A 30 -1.42 11.50 7.19
C PRO A 30 -1.49 11.47 8.70
N TRP A 31 -1.32 12.63 9.30
CA TRP A 31 -1.50 12.85 10.73
C TRP A 31 -2.96 12.71 11.19
N TYR A 32 -3.85 12.40 10.27
CA TYR A 32 -5.28 12.25 10.53
C TYR A 32 -5.77 11.04 9.73
N LEU A 33 -6.94 10.54 10.10
CA LEU A 33 -7.52 9.29 9.56
C LEU A 33 -6.58 8.12 9.94
N GLY A 34 -6.59 7.05 9.15
CA GLY A 34 -5.78 5.88 9.45
C GLY A 34 -4.56 5.80 8.55
N HIS A 35 -4.52 4.77 7.72
CA HIS A 35 -3.43 4.57 6.78
C HIS A 35 -3.88 4.42 5.32
N PRO A 36 -4.45 5.50 4.72
CA PRO A 36 -4.93 5.41 3.34
C PRO A 36 -3.86 5.34 2.25
N THR A 37 -2.62 5.67 2.59
CA THR A 37 -1.54 5.77 1.62
C THR A 37 -0.75 4.48 1.51
N CYS A 38 -0.76 3.88 0.34
CA CYS A 38 0.08 2.71 0.10
C CYS A 38 1.48 3.21 -0.21
N THR A 39 2.46 2.61 0.45
CA THR A 39 3.86 2.93 0.27
C THR A 39 4.49 1.58 -0.04
N CYS A 40 5.30 1.52 -1.08
CA CYS A 40 5.70 0.21 -1.60
C CYS A 40 7.02 -0.26 -1.07
N SER A 41 7.16 -1.58 -1.01
CA SER A 41 8.36 -2.23 -0.49
C SER A 41 9.00 -3.04 -1.59
N PHE A 42 10.30 -3.25 -1.44
CA PHE A 42 11.07 -4.08 -2.33
C PHE A 42 11.62 -5.13 -1.38
N GLY A 1 -6.60 4.20 -0.09
CA GLY A 1 -7.21 3.40 -1.17
C GLY A 1 -6.53 2.08 -1.33
N PHE A 2 -6.86 1.33 -2.37
CA PHE A 2 -6.24 0.01 -2.64
C PHE A 2 -6.37 -0.93 -1.44
N GLY A 3 -7.57 -0.98 -0.88
CA GLY A 3 -7.86 -1.84 0.24
C GLY A 3 -7.55 -1.22 1.59
N CYS A 4 -6.68 -0.22 1.60
CA CYS A 4 -6.24 0.38 2.85
C CYS A 4 -6.86 1.76 3.16
N PRO A 5 -7.11 2.06 4.44
CA PRO A 5 -6.90 1.20 5.62
C PRO A 5 -7.92 0.06 5.70
N GLY A 6 -7.45 -1.09 6.15
CA GLY A 6 -8.31 -2.26 6.27
C GLY A 6 -7.58 -3.50 5.81
N ASP A 7 -7.28 -3.55 4.52
CA ASP A 7 -6.56 -4.67 3.92
C ASP A 7 -5.23 -4.21 3.33
N ALA A 8 -4.16 -4.91 3.69
CA ALA A 8 -2.83 -4.64 3.18
C ALA A 8 -2.52 -5.44 1.91
N TYR A 9 -3.29 -6.51 1.65
CA TYR A 9 -2.98 -7.38 0.52
C TYR A 9 -3.18 -6.64 -0.80
N GLN A 10 -4.31 -5.97 -0.97
CA GLN A 10 -4.57 -5.22 -2.21
C GLN A 10 -3.58 -4.06 -2.33
N CYS A 11 -3.11 -3.54 -1.21
CA CYS A 11 -2.09 -2.49 -1.22
C CYS A 11 -0.78 -3.05 -1.80
N SER A 12 -0.46 -4.27 -1.40
CA SER A 12 0.71 -4.98 -1.93
C SER A 12 0.54 -5.27 -3.41
N GLU A 13 -0.64 -5.72 -3.81
CA GLU A 13 -0.92 -6.00 -5.23
C GLU A 13 -0.75 -4.72 -6.05
N HIS A 14 -1.25 -3.62 -5.55
CA HIS A 14 -1.14 -2.33 -6.22
C HIS A 14 0.33 -1.96 -6.41
N CYS A 15 1.13 -2.10 -5.36
CA CYS A 15 2.55 -1.81 -5.46
C CYS A 15 3.26 -2.74 -6.42
N ARG A 16 2.97 -4.03 -6.37
CA ARG A 16 3.60 -4.99 -7.29
C ARG A 16 3.23 -4.69 -8.74
N ALA A 17 2.01 -4.23 -8.97
CA ALA A 17 1.56 -3.86 -10.30
C ALA A 17 2.32 -2.63 -10.83
N LEU A 18 2.73 -1.73 -9.95
CA LEU A 18 3.47 -0.53 -10.36
C LEU A 18 4.90 -0.86 -10.81
N GLY A 19 5.40 -2.04 -10.47
CA GLY A 19 6.75 -2.40 -10.87
C GLY A 19 7.19 -3.73 -10.33
N GLY A 20 7.79 -4.56 -11.19
CA GLY A 20 8.22 -5.89 -10.77
C GLY A 20 9.34 -5.91 -9.75
N GLY A 21 9.99 -4.78 -9.58
CA GLY A 21 11.04 -4.67 -8.57
C GLY A 21 10.43 -4.57 -7.18
N ARG A 22 9.18 -4.15 -7.11
CA ARG A 22 8.47 -4.04 -5.85
C ARG A 22 7.97 -5.41 -5.47
N THR A 23 8.31 -5.82 -4.27
CA THR A 23 7.94 -7.15 -3.79
C THR A 23 6.60 -7.09 -3.08
N GLY A 24 6.21 -5.89 -2.69
CA GLY A 24 4.96 -5.72 -1.99
C GLY A 24 4.75 -4.28 -1.57
N GLY A 25 3.97 -4.06 -0.54
CA GLY A 25 3.75 -2.73 -0.02
C GLY A 25 3.03 -2.76 1.30
N TYR A 26 3.08 -1.65 2.01
CA TYR A 26 2.43 -1.50 3.32
C TYR A 26 1.70 -0.17 3.33
N CYS A 27 0.83 0.02 4.30
CA CYS A 27 0.02 1.24 4.37
C CYS A 27 0.55 2.23 5.41
N ALA A 28 0.41 3.51 5.09
CA ALA A 28 0.77 4.61 5.98
C ALA A 28 -0.23 5.72 5.66
N GLY A 29 -0.10 6.89 6.28
CA GLY A 29 -1.04 7.95 5.96
C GLY A 29 -0.71 9.28 6.62
N PRO A 30 -1.56 10.31 6.45
CA PRO A 30 -1.36 11.63 7.07
C PRO A 30 -1.54 11.62 8.58
N TRP A 31 -1.38 12.80 9.15
CA TRP A 31 -1.63 13.04 10.58
C TRP A 31 -3.12 12.91 10.96
N TYR A 32 -3.96 12.67 9.96
CA TYR A 32 -5.40 12.51 10.14
C TYR A 32 -5.85 11.33 9.30
N LEU A 33 -7.04 10.82 9.61
CA LEU A 33 -7.59 9.57 9.03
C LEU A 33 -6.71 8.40 9.48
N GLY A 34 -6.78 7.29 8.77
CA GLY A 34 -6.00 6.10 9.14
C GLY A 34 -4.75 5.96 8.29
N HIS A 35 -4.74 4.92 7.46
CA HIS A 35 -3.60 4.67 6.57
C HIS A 35 -4.04 4.56 5.08
N PRO A 36 -4.54 5.66 4.49
CA PRO A 36 -4.98 5.58 3.08
C PRO A 36 -3.86 5.48 2.04
N THR A 37 -2.64 5.80 2.43
CA THR A 37 -1.51 5.88 1.50
C THR A 37 -0.75 4.55 1.40
N CYS A 38 -0.69 3.99 0.21
CA CYS A 38 0.14 2.82 -0.01
C CYS A 38 1.57 3.28 -0.22
N THR A 39 2.50 2.63 0.47
CA THR A 39 3.92 2.90 0.35
C THR A 39 4.53 1.56 0.00
N CYS A 40 5.39 1.52 -1.00
CA CYS A 40 5.80 0.24 -1.56
C CYS A 40 7.11 -0.27 -1.01
N SER A 41 7.23 -1.59 -1.01
CA SER A 41 8.38 -2.29 -0.48
C SER A 41 9.08 -2.99 -1.63
N PHE A 42 10.38 -3.16 -1.51
CA PHE A 42 11.19 -3.84 -2.49
C PHE A 42 11.87 -4.92 -1.68
N GLY A 1 -6.40 4.28 -0.25
CA GLY A 1 -7.00 3.53 -1.36
C GLY A 1 -6.41 2.15 -1.49
N PHE A 2 -6.77 1.41 -2.53
CA PHE A 2 -6.22 0.07 -2.79
C PHE A 2 -6.40 -0.87 -1.59
N GLY A 3 -7.60 -0.85 -1.02
CA GLY A 3 -7.91 -1.70 0.11
C GLY A 3 -7.53 -1.12 1.46
N CYS A 4 -6.70 -0.08 1.47
CA CYS A 4 -6.24 0.50 2.72
C CYS A 4 -6.82 1.90 3.02
N PRO A 5 -7.06 2.23 4.30
CA PRO A 5 -6.85 1.39 5.49
C PRO A 5 -7.84 0.23 5.57
N GLY A 6 -7.36 -0.92 6.00
CA GLY A 6 -8.19 -2.11 6.09
C GLY A 6 -7.42 -3.36 5.70
N ASP A 7 -7.08 -3.46 4.42
CA ASP A 7 -6.34 -4.60 3.89
C ASP A 7 -5.02 -4.19 3.25
N ALA A 8 -3.94 -4.82 3.71
CA ALA A 8 -2.61 -4.57 3.17
C ALA A 8 -2.33 -5.44 1.93
N TYR A 9 -3.08 -6.51 1.72
CA TYR A 9 -2.82 -7.39 0.59
C TYR A 9 -3.12 -6.71 -0.74
N GLN A 10 -4.27 -6.06 -0.86
CA GLN A 10 -4.60 -5.34 -2.09
C GLN A 10 -3.63 -4.17 -2.30
N CYS A 11 -3.16 -3.58 -1.21
CA CYS A 11 -2.16 -2.51 -1.28
C CYS A 11 -0.86 -3.07 -1.87
N SER A 12 -0.49 -4.27 -1.45
CA SER A 12 0.68 -4.96 -1.98
C SER A 12 0.50 -5.28 -3.46
N GLU A 13 -0.67 -5.76 -3.87
CA GLU A 13 -0.94 -6.05 -5.27
C GLU A 13 -0.79 -4.79 -6.11
N HIS A 14 -1.31 -3.68 -5.61
CA HIS A 14 -1.21 -2.39 -6.29
C HIS A 14 0.26 -2.01 -6.47
N CYS A 15 1.05 -2.14 -5.42
CA CYS A 15 2.47 -1.82 -5.50
C CYS A 15 3.22 -2.74 -6.45
N ARG A 16 2.95 -4.02 -6.40
CA ARG A 16 3.59 -4.98 -7.30
C ARG A 16 3.25 -4.68 -8.76
N ALA A 17 2.04 -4.19 -9.01
CA ALA A 17 1.62 -3.83 -10.36
C ALA A 17 2.42 -2.64 -10.91
N LEU A 18 2.86 -1.74 -10.02
CA LEU A 18 3.67 -0.58 -10.44
C LEU A 18 5.06 -0.99 -10.89
N GLY A 19 5.47 -2.20 -10.53
CA GLY A 19 6.79 -2.67 -10.89
C GLY A 19 7.15 -3.94 -10.16
N GLY A 20 7.60 -4.95 -10.89
CA GLY A 20 7.94 -6.24 -10.29
C GLY A 20 9.11 -6.23 -9.34
N GLY A 21 9.86 -5.14 -9.36
CA GLY A 21 10.97 -4.96 -8.44
C GLY A 21 10.43 -4.76 -7.04
N ARG A 22 9.19 -4.29 -6.93
CA ARG A 22 8.53 -4.13 -5.66
C ARG A 22 7.98 -5.49 -5.29
N THR A 23 8.31 -5.96 -4.11
CA THR A 23 7.85 -7.26 -3.66
C THR A 23 6.49 -7.14 -3.01
N GLY A 24 6.14 -5.93 -2.63
CA GLY A 24 4.86 -5.67 -2.02
C GLY A 24 4.72 -4.24 -1.58
N GLY A 25 3.94 -4.01 -0.53
CA GLY A 25 3.75 -2.68 -0.02
C GLY A 25 3.01 -2.72 1.31
N TYR A 26 3.05 -1.60 2.01
CA TYR A 26 2.42 -1.46 3.32
C TYR A 26 1.67 -0.14 3.34
N CYS A 27 0.77 0.03 4.29
CA CYS A 27 -0.04 1.25 4.35
C CYS A 27 0.46 2.21 5.43
N ALA A 28 0.39 3.49 5.14
CA ALA A 28 0.73 4.55 6.08
C ALA A 28 -0.18 5.72 5.72
N GLY A 29 -0.02 6.88 6.34
CA GLY A 29 -0.87 7.99 5.97
C GLY A 29 -0.48 9.31 6.59
N PRO A 30 -1.21 10.39 6.26
CA PRO A 30 -0.98 11.73 6.82
C PRO A 30 -1.31 11.83 8.30
N TRP A 31 -1.14 13.04 8.81
CA TRP A 31 -1.52 13.38 10.19
C TRP A 31 -3.04 13.34 10.44
N TYR A 32 -3.80 13.00 9.41
CA TYR A 32 -5.25 12.89 9.50
C TYR A 32 -5.65 11.58 8.81
N LEU A 33 -6.80 11.05 9.22
CA LEU A 33 -7.30 9.73 8.80
C LEU A 33 -6.35 8.63 9.30
N GLY A 34 -6.52 7.42 8.80
CA GLY A 34 -5.70 6.29 9.25
C GLY A 34 -4.51 6.06 8.34
N HIS A 35 -4.62 5.05 7.48
CA HIS A 35 -3.55 4.72 6.53
C HIS A 35 -4.02 4.73 5.06
N PRO A 36 -4.45 5.89 4.52
CA PRO A 36 -4.91 5.91 3.12
C PRO A 36 -3.81 5.75 2.07
N THR A 37 -2.57 5.98 2.45
CA THR A 37 -1.45 5.99 1.52
C THR A 37 -0.79 4.62 1.42
N CYS A 38 -0.69 4.10 0.21
CA CYS A 38 0.08 2.89 -0.01
C CYS A 38 1.53 3.31 -0.25
N THR A 39 2.44 2.69 0.48
CA THR A 39 3.85 2.93 0.34
C THR A 39 4.44 1.59 -0.05
N CYS A 40 5.25 1.55 -1.07
CA CYS A 40 5.66 0.27 -1.63
C CYS A 40 7.01 -0.17 -1.09
N SER A 41 7.18 -1.49 -1.03
CA SER A 41 8.36 -2.11 -0.49
C SER A 41 9.04 -2.91 -1.58
N PHE A 42 10.35 -3.00 -1.50
CA PHE A 42 11.15 -3.78 -2.42
C PHE A 42 11.71 -4.88 -1.56
N GLY A 1 -6.49 4.04 -0.16
CA GLY A 1 -7.15 3.28 -1.24
C GLY A 1 -6.53 1.91 -1.38
N PHE A 2 -6.93 1.15 -2.39
CA PHE A 2 -6.37 -0.19 -2.64
C PHE A 2 -6.48 -1.08 -1.40
N GLY A 3 -7.68 -1.15 -0.84
CA GLY A 3 -7.94 -1.99 0.32
C GLY A 3 -7.57 -1.34 1.64
N CYS A 4 -6.76 -0.31 1.61
CA CYS A 4 -6.27 0.32 2.82
C CYS A 4 -6.90 1.70 3.12
N PRO A 5 -7.15 2.03 4.41
CA PRO A 5 -6.89 1.18 5.59
C PRO A 5 -7.88 0.02 5.70
N GLY A 6 -7.41 -1.12 6.18
CA GLY A 6 -8.24 -2.30 6.32
C GLY A 6 -7.47 -3.54 5.90
N ASP A 7 -7.16 -3.63 4.62
CA ASP A 7 -6.42 -4.76 4.07
C ASP A 7 -5.18 -4.30 3.31
N ALA A 8 -4.02 -4.81 3.71
CA ALA A 8 -2.76 -4.47 3.06
C ALA A 8 -2.48 -5.36 1.83
N TYR A 9 -3.24 -6.44 1.67
CA TYR A 9 -2.97 -7.37 0.55
C TYR A 9 -3.23 -6.67 -0.78
N GLN A 10 -4.36 -5.99 -0.92
CA GLN A 10 -4.64 -5.28 -2.17
C GLN A 10 -3.66 -4.11 -2.38
N CYS A 11 -3.17 -3.53 -1.29
CA CYS A 11 -2.17 -2.47 -1.37
C CYS A 11 -0.85 -3.05 -1.93
N SER A 12 -0.52 -4.26 -1.50
CA SER A 12 0.64 -4.98 -2.01
C SER A 12 0.46 -5.29 -3.50
N GLU A 13 -0.72 -5.74 -3.90
CA GLU A 13 -0.98 -6.02 -5.31
C GLU A 13 -0.81 -4.75 -6.15
N HIS A 14 -1.30 -3.64 -5.63
CA HIS A 14 -1.16 -2.34 -6.31
C HIS A 14 0.31 -1.98 -6.47
N CYS A 15 1.10 -2.13 -5.42
CA CYS A 15 2.53 -1.85 -5.49
C CYS A 15 3.26 -2.78 -6.45
N ARG A 16 2.94 -4.07 -6.43
CA ARG A 16 3.56 -5.03 -7.34
C ARG A 16 3.23 -4.70 -8.80
N ALA A 17 2.02 -4.19 -9.05
CA ALA A 17 1.61 -3.79 -10.39
C ALA A 17 2.43 -2.60 -10.90
N LEU A 18 2.90 -1.75 -9.99
CA LEU A 18 3.70 -0.58 -10.36
C LEU A 18 5.13 -0.97 -10.73
N GLY A 19 5.52 -2.20 -10.45
CA GLY A 19 6.86 -2.66 -10.80
C GLY A 19 7.18 -4.00 -10.19
N GLY A 20 7.69 -4.93 -10.98
CA GLY A 20 8.01 -6.26 -10.48
C GLY A 20 9.14 -6.30 -9.47
N GLY A 21 9.89 -5.21 -9.40
CA GLY A 21 10.95 -5.09 -8.40
C GLY A 21 10.34 -4.92 -7.02
N ARG A 22 9.13 -4.38 -6.97
CA ARG A 22 8.43 -4.21 -5.72
C ARG A 22 7.85 -5.55 -5.38
N THR A 23 8.17 -6.03 -4.19
CA THR A 23 7.73 -7.35 -3.78
C THR A 23 6.40 -7.23 -3.06
N GLY A 24 6.06 -6.02 -2.66
CA GLY A 24 4.80 -5.78 -1.97
C GLY A 24 4.65 -4.34 -1.55
N GLY A 25 3.90 -4.11 -0.49
CA GLY A 25 3.72 -2.77 0.02
C GLY A 25 3.03 -2.78 1.37
N TYR A 26 3.05 -1.64 2.04
CA TYR A 26 2.47 -1.46 3.37
C TYR A 26 1.64 -0.19 3.33
N CYS A 27 0.83 0.05 4.35
CA CYS A 27 -0.01 1.23 4.40
C CYS A 27 0.45 2.20 5.48
N ALA A 28 0.36 3.49 5.19
CA ALA A 28 0.72 4.55 6.10
C ALA A 28 -0.30 5.66 5.84
N GLY A 29 -0.19 6.80 6.50
CA GLY A 29 -1.12 7.88 6.22
C GLY A 29 -0.78 9.19 6.88
N PRO A 30 -1.65 10.21 6.75
CA PRO A 30 -1.45 11.54 7.33
C PRO A 30 -1.54 11.59 8.86
N TRP A 31 -1.38 12.81 9.37
CA TRP A 31 -1.58 13.11 10.80
C TRP A 31 -3.02 12.93 11.28
N TYR A 32 -3.91 12.59 10.37
CA TYR A 32 -5.33 12.45 10.65
C TYR A 32 -5.86 11.33 9.74
N LEU A 33 -7.06 10.84 10.04
CA LEU A 33 -7.65 9.65 9.39
C LEU A 33 -6.78 8.43 9.71
N GLY A 34 -6.88 7.38 8.90
CA GLY A 34 -6.16 6.14 9.16
C GLY A 34 -4.92 6.00 8.31
N HIS A 35 -4.85 4.92 7.54
CA HIS A 35 -3.69 4.65 6.68
C HIS A 35 -4.07 4.49 5.18
N PRO A 36 -4.59 5.56 4.54
CA PRO A 36 -4.98 5.42 3.12
C PRO A 36 -3.83 5.38 2.11
N THR A 37 -2.64 5.79 2.54
CA THR A 37 -1.50 5.93 1.64
C THR A 37 -0.77 4.60 1.49
N CYS A 38 -0.69 4.10 0.27
CA CYS A 38 0.10 2.92 -0.01
C CYS A 38 1.55 3.34 -0.18
N THR A 39 2.45 2.62 0.46
CA THR A 39 3.88 2.86 0.35
C THR A 39 4.45 1.51 -0.03
N CYS A 40 5.33 1.47 -1.02
CA CYS A 40 5.73 0.18 -1.58
C CYS A 40 7.03 -0.34 -1.01
N SER A 41 7.15 -1.65 -1.01
CA SER A 41 8.32 -2.34 -0.46
C SER A 41 8.98 -3.12 -1.58
N PHE A 42 10.26 -3.36 -1.41
CA PHE A 42 11.06 -4.17 -2.33
C PHE A 42 11.58 -5.25 -1.42
N GLY A 1 -6.23 4.10 -0.17
CA GLY A 1 -6.93 3.39 -1.25
C GLY A 1 -6.35 2.02 -1.47
N PHE A 2 -6.81 1.30 -2.49
CA PHE A 2 -6.30 -0.05 -2.82
C PHE A 2 -6.39 -0.99 -1.61
N GLY A 3 -7.55 -1.00 -0.98
CA GLY A 3 -7.79 -1.89 0.15
C GLY A 3 -7.43 -1.26 1.48
N CYS A 4 -6.55 -0.28 1.46
CA CYS A 4 -6.09 0.35 2.70
C CYS A 4 -6.78 1.70 2.99
N PRO A 5 -7.08 2.00 4.27
CA PRO A 5 -6.83 1.16 5.46
C PRO A 5 -7.82 -0.01 5.57
N GLY A 6 -7.34 -1.15 6.05
CA GLY A 6 -8.18 -2.32 6.19
C GLY A 6 -7.46 -3.56 5.71
N ASP A 7 -7.17 -3.61 4.42
CA ASP A 7 -6.46 -4.72 3.81
C ASP A 7 -5.13 -4.31 3.19
N ALA A 8 -4.07 -5.00 3.59
CA ALA A 8 -2.74 -4.74 3.07
C ALA A 8 -2.46 -5.57 1.80
N TYR A 9 -3.25 -6.61 1.54
CA TYR A 9 -2.99 -7.48 0.40
C TYR A 9 -3.23 -6.75 -0.92
N GLN A 10 -4.36 -6.08 -1.06
CA GLN A 10 -4.63 -5.35 -2.30
C GLN A 10 -3.65 -4.18 -2.45
N CYS A 11 -3.20 -3.63 -1.33
CA CYS A 11 -2.17 -2.57 -1.35
C CYS A 11 -0.87 -3.15 -1.92
N SER A 12 -0.55 -4.36 -1.52
CA SER A 12 0.62 -5.08 -2.03
C SER A 12 0.47 -5.36 -3.52
N GLU A 13 -0.70 -5.83 -3.95
CA GLU A 13 -0.95 -6.09 -5.36
C GLU A 13 -0.78 -4.82 -6.18
N HIS A 14 -1.31 -3.72 -5.68
CA HIS A 14 -1.18 -2.43 -6.35
C HIS A 14 0.29 -2.06 -6.52
N CYS A 15 1.06 -2.20 -5.45
CA CYS A 15 2.49 -1.91 -5.52
C CYS A 15 3.23 -2.84 -6.47
N ARG A 16 2.94 -4.12 -6.42
CA ARG A 16 3.59 -5.09 -7.31
C ARG A 16 3.26 -4.80 -8.77
N ALA A 17 2.06 -4.31 -9.04
CA ALA A 17 1.65 -3.94 -10.39
C ALA A 17 2.46 -2.74 -10.91
N LEU A 18 2.88 -1.85 -10.02
CA LEU A 18 3.67 -0.67 -10.41
C LEU A 18 5.09 -1.06 -10.84
N GLY A 19 5.53 -2.25 -10.47
CA GLY A 19 6.87 -2.69 -10.82
C GLY A 19 7.23 -4.01 -10.18
N GLY A 20 7.77 -4.93 -10.96
CA GLY A 20 8.12 -6.25 -10.45
C GLY A 20 9.22 -6.29 -9.41
N GLY A 21 9.95 -5.19 -9.30
CA GLY A 21 10.98 -5.08 -8.29
C GLY A 21 10.37 -4.91 -6.91
N ARG A 22 9.13 -4.43 -6.86
CA ARG A 22 8.43 -4.26 -5.62
C ARG A 22 7.85 -5.59 -5.23
N THR A 23 8.17 -6.03 -4.03
CA THR A 23 7.71 -7.32 -3.54
C THR A 23 6.35 -7.17 -2.89
N GLY A 24 6.02 -5.94 -2.55
CA GLY A 24 4.74 -5.66 -1.93
C GLY A 24 4.64 -4.23 -1.49
N GLY A 25 3.87 -3.98 -0.44
CA GLY A 25 3.71 -2.64 0.08
C GLY A 25 3.11 -2.66 1.46
N TYR A 26 3.18 -1.52 2.14
CA TYR A 26 2.65 -1.35 3.47
C TYR A 26 1.83 -0.08 3.46
N CYS A 27 1.01 0.12 4.47
CA CYS A 27 0.16 1.31 4.52
C CYS A 27 0.61 2.24 5.64
N ALA A 28 0.58 3.53 5.36
CA ALA A 28 0.91 4.58 6.31
C ALA A 28 -0.10 5.68 6.04
N GLY A 29 0.00 6.82 6.71
CA GLY A 29 -0.95 7.88 6.43
C GLY A 29 -0.68 9.17 7.17
N PRO A 30 -1.56 10.18 7.03
CA PRO A 30 -1.45 11.47 7.73
C PRO A 30 -1.67 11.36 9.23
N TRP A 31 -1.61 12.53 9.86
CA TRP A 31 -1.92 12.69 11.30
C TRP A 31 -3.40 12.40 11.64
N TYR A 32 -4.20 12.10 10.63
CA TYR A 32 -5.62 11.86 10.80
C TYR A 32 -6.00 10.63 9.96
N LEU A 33 -7.14 10.04 10.29
CA LEU A 33 -7.60 8.75 9.73
C LEU A 33 -6.59 7.68 10.13
N GLY A 34 -6.58 6.55 9.42
CA GLY A 34 -5.68 5.46 9.75
C GLY A 34 -4.48 5.44 8.82
N HIS A 35 -4.50 4.52 7.88
CA HIS A 35 -3.40 4.39 6.92
C HIS A 35 -3.88 4.37 5.45
N PRO A 36 -4.40 5.51 4.95
CA PRO A 36 -4.88 5.55 3.56
C PRO A 36 -3.81 5.51 2.48
N THR A 37 -2.57 5.82 2.84
CA THR A 37 -1.48 5.95 1.88
C THR A 37 -0.72 4.64 1.71
N CYS A 38 -0.78 4.08 0.52
CA CYS A 38 0.00 2.89 0.20
C CYS A 38 1.41 3.35 -0.12
N THR A 39 2.39 2.69 0.47
CA THR A 39 3.79 2.97 0.25
C THR A 39 4.41 1.63 -0.08
N CYS A 40 5.25 1.55 -1.11
CA CYS A 40 5.66 0.26 -1.61
C CYS A 40 7.00 -0.20 -1.06
N SER A 41 7.15 -1.51 -0.98
CA SER A 41 8.34 -2.13 -0.44
C SER A 41 9.00 -2.94 -1.53
N PHE A 42 10.29 -3.17 -1.37
CA PHE A 42 11.07 -3.99 -2.27
C PHE A 42 11.61 -5.06 -1.35
N GLY A 1 -6.44 4.08 -0.12
CA GLY A 1 -7.06 3.29 -1.21
C GLY A 1 -6.41 1.94 -1.33
N PHE A 2 -6.76 1.18 -2.36
CA PHE A 2 -6.16 -0.14 -2.63
C PHE A 2 -6.30 -1.07 -1.42
N GLY A 3 -7.50 -1.09 -0.84
CA GLY A 3 -7.79 -1.95 0.30
C GLY A 3 -7.46 -1.31 1.62
N CYS A 4 -6.61 -0.29 1.62
CA CYS A 4 -6.18 0.32 2.87
C CYS A 4 -6.81 1.71 3.13
N PRO A 5 -7.02 2.08 4.41
CA PRO A 5 -6.74 1.29 5.63
C PRO A 5 -7.71 0.10 5.80
N GLY A 6 -7.15 -1.04 6.21
CA GLY A 6 -7.94 -2.24 6.39
C GLY A 6 -7.20 -3.46 5.90
N ASP A 7 -7.00 -3.53 4.60
CA ASP A 7 -6.30 -4.66 3.97
C ASP A 7 -4.98 -4.27 3.32
N ALA A 8 -3.93 -4.99 3.68
CA ALA A 8 -2.61 -4.77 3.11
C ALA A 8 -2.36 -5.63 1.86
N TYR A 9 -3.18 -6.64 1.62
CA TYR A 9 -2.96 -7.53 0.48
C TYR A 9 -3.18 -6.79 -0.84
N GLN A 10 -4.29 -6.11 -0.99
CA GLN A 10 -4.55 -5.35 -2.23
C GLN A 10 -3.56 -4.19 -2.36
N CYS A 11 -3.10 -3.67 -1.22
CA CYS A 11 -2.09 -2.62 -1.21
C CYS A 11 -0.78 -3.17 -1.80
N SER A 12 -0.45 -4.40 -1.44
CA SER A 12 0.71 -5.09 -1.98
C SER A 12 0.54 -5.36 -3.47
N GLU A 13 -0.63 -5.83 -3.89
CA GLU A 13 -0.89 -6.08 -5.30
C GLU A 13 -0.74 -4.80 -6.12
N HIS A 14 -1.25 -3.71 -5.61
CA HIS A 14 -1.14 -2.41 -6.27
C HIS A 14 0.32 -2.03 -6.46
N CYS A 15 1.12 -2.16 -5.41
CA CYS A 15 2.54 -1.84 -5.49
C CYS A 15 3.27 -2.77 -6.46
N ARG A 16 2.99 -4.06 -6.39
CA ARG A 16 3.62 -5.03 -7.29
C ARG A 16 3.29 -4.71 -8.76
N ALA A 17 2.06 -4.27 -9.00
CA ALA A 17 1.65 -3.89 -10.35
C ALA A 17 2.42 -2.67 -10.87
N LEU A 18 2.81 -1.76 -9.99
CA LEU A 18 3.56 -0.57 -10.37
C LEU A 18 4.98 -0.91 -10.83
N GLY A 19 5.48 -2.08 -10.48
CA GLY A 19 6.82 -2.47 -10.87
C GLY A 19 7.24 -3.79 -10.27
N GLY A 20 7.81 -4.67 -11.08
CA GLY A 20 8.22 -5.99 -10.61
C GLY A 20 9.33 -6.00 -9.58
N GLY A 21 10.00 -4.88 -9.44
CA GLY A 21 11.03 -4.75 -8.43
C GLY A 21 10.42 -4.64 -7.04
N ARG A 22 9.16 -4.24 -6.98
CA ARG A 22 8.46 -4.09 -5.73
C ARG A 22 7.94 -5.44 -5.28
N THR A 23 8.28 -5.81 -4.05
CA THR A 23 7.87 -7.10 -3.51
C THR A 23 6.47 -7.02 -2.94
N GLY A 24 6.06 -5.80 -2.63
CA GLY A 24 4.77 -5.56 -2.03
C GLY A 24 4.65 -4.14 -1.56
N GLY A 25 3.88 -3.91 -0.50
CA GLY A 25 3.73 -2.59 0.05
C GLY A 25 3.07 -2.63 1.40
N TYR A 26 3.15 -1.52 2.11
CA TYR A 26 2.57 -1.38 3.43
C TYR A 26 1.77 -0.08 3.47
N CYS A 27 0.87 0.05 4.43
CA CYS A 27 0.02 1.22 4.50
C CYS A 27 0.51 2.21 5.54
N ALA A 28 0.43 3.49 5.22
CA ALA A 28 0.82 4.57 6.11
C ALA A 28 -0.15 5.71 5.78
N GLY A 29 0.00 6.88 6.38
CA GLY A 29 -0.89 7.97 6.05
C GLY A 29 -0.50 9.27 6.72
N PRO A 30 -1.24 10.37 6.46
CA PRO A 30 -0.98 11.67 7.07
C PRO A 30 -1.27 11.73 8.56
N TRP A 31 -1.06 12.90 9.12
CA TRP A 31 -1.42 13.20 10.51
C TRP A 31 -2.95 13.21 10.74
N TYR A 32 -3.70 13.03 9.66
CA TYR A 32 -5.16 12.99 9.71
C TYR A 32 -5.60 11.76 8.94
N LEU A 33 -6.78 11.26 9.28
CA LEU A 33 -7.33 9.98 8.78
C LEU A 33 -6.44 8.83 9.30
N GLY A 34 -6.58 7.65 8.71
CA GLY A 34 -5.83 6.48 9.17
C GLY A 34 -4.61 6.22 8.31
N HIS A 35 -4.66 5.14 7.55
CA HIS A 35 -3.54 4.77 6.65
C HIS A 35 -3.98 4.64 5.17
N PRO A 36 -4.45 5.74 4.54
CA PRO A 36 -4.89 5.61 3.15
C PRO A 36 -3.77 5.47 2.11
N THR A 37 -2.56 5.84 2.50
CA THR A 37 -1.43 5.90 1.58
C THR A 37 -0.70 4.57 1.50
N CYS A 38 -0.72 3.95 0.34
CA CYS A 38 0.08 2.76 0.10
C CYS A 38 1.49 3.22 -0.21
N THR A 39 2.45 2.66 0.51
CA THR A 39 3.85 2.98 0.33
C THR A 39 4.49 1.64 -0.02
N CYS A 40 5.31 1.61 -1.05
CA CYS A 40 5.71 0.32 -1.61
C CYS A 40 7.05 -0.15 -1.09
N SER A 41 7.19 -1.46 -1.02
CA SER A 41 8.36 -2.13 -0.50
C SER A 41 9.05 -2.82 -1.65
N PHE A 42 10.35 -3.02 -1.50
CA PHE A 42 11.17 -3.73 -2.49
C PHE A 42 11.80 -4.86 -1.68
N GLY A 1 -6.30 4.26 -0.14
CA GLY A 1 -6.88 3.57 -1.30
C GLY A 1 -6.29 2.19 -1.47
N PHE A 2 -6.68 1.48 -2.52
CA PHE A 2 -6.15 0.14 -2.82
C PHE A 2 -6.35 -0.81 -1.62
N GLY A 3 -7.55 -0.79 -1.07
CA GLY A 3 -7.91 -1.64 0.04
C GLY A 3 -7.58 -1.02 1.38
N CYS A 4 -6.64 -0.09 1.39
CA CYS A 4 -6.24 0.58 2.62
C CYS A 4 -7.01 1.88 2.86
N PRO A 5 -7.18 2.29 4.14
CA PRO A 5 -6.71 1.62 5.36
C PRO A 5 -7.44 0.32 5.71
N GLY A 6 -6.67 -0.76 5.84
CA GLY A 6 -7.23 -2.06 6.20
C GLY A 6 -6.55 -3.20 5.47
N ASP A 7 -6.77 -3.28 4.17
CA ASP A 7 -6.25 -4.38 3.36
C ASP A 7 -4.86 -4.11 2.80
N ALA A 8 -3.85 -4.57 3.52
CA ALA A 8 -2.46 -4.43 3.10
C ALA A 8 -2.13 -5.34 1.90
N TYR A 9 -2.91 -6.40 1.67
CA TYR A 9 -2.61 -7.32 0.57
C TYR A 9 -2.96 -6.66 -0.75
N GLN A 10 -4.11 -5.99 -0.83
CA GLN A 10 -4.49 -5.29 -2.05
C GLN A 10 -3.52 -4.13 -2.31
N CYS A 11 -3.01 -3.53 -1.23
CA CYS A 11 -1.98 -2.50 -1.35
C CYS A 11 -0.71 -3.09 -1.97
N SER A 12 -0.35 -4.29 -1.53
CA SER A 12 0.79 -5.02 -2.08
C SER A 12 0.58 -5.32 -3.56
N GLU A 13 -0.60 -5.78 -3.94
CA GLU A 13 -0.89 -6.07 -5.33
C GLU A 13 -0.75 -4.82 -6.20
N HIS A 14 -1.25 -3.70 -5.69
CA HIS A 14 -1.14 -2.42 -6.39
C HIS A 14 0.34 -2.06 -6.59
N CYS A 15 1.13 -2.17 -5.53
CA CYS A 15 2.55 -1.86 -5.63
C CYS A 15 3.29 -2.79 -6.59
N ARG A 16 2.99 -4.08 -6.54
CA ARG A 16 3.62 -5.05 -7.43
C ARG A 16 3.30 -4.74 -8.89
N ALA A 17 2.07 -4.28 -9.15
CA ALA A 17 1.66 -3.92 -10.49
C ALA A 17 2.43 -2.70 -11.04
N LEU A 18 2.85 -1.81 -10.16
CA LEU A 18 3.61 -0.62 -10.57
C LEU A 18 5.02 -0.97 -11.02
N GLY A 19 5.51 -2.15 -10.66
CA GLY A 19 6.86 -2.52 -11.04
C GLY A 19 7.30 -3.81 -10.38
N GLY A 20 7.89 -4.72 -11.15
CA GLY A 20 8.31 -6.01 -10.63
C GLY A 20 9.41 -5.98 -9.58
N GLY A 21 10.08 -4.85 -9.48
CA GLY A 21 11.10 -4.69 -8.46
C GLY A 21 10.48 -4.56 -7.08
N ARG A 22 9.22 -4.12 -7.03
CA ARG A 22 8.50 -3.98 -5.79
C ARG A 22 7.96 -5.33 -5.41
N THR A 23 8.28 -5.78 -4.22
CA THR A 23 7.85 -7.09 -3.75
C THR A 23 6.49 -7.00 -3.11
N GLY A 24 6.12 -5.80 -2.72
CA GLY A 24 4.83 -5.57 -2.10
C GLY A 24 4.70 -4.14 -1.61
N GLY A 25 3.92 -3.94 -0.56
CA GLY A 25 3.73 -2.62 0.00
C GLY A 25 2.95 -2.69 1.29
N TYR A 26 2.97 -1.59 2.03
CA TYR A 26 2.28 -1.48 3.32
C TYR A 26 1.64 -0.10 3.37
N CYS A 27 0.75 0.12 4.33
CA CYS A 27 0.01 1.37 4.40
C CYS A 27 0.41 2.24 5.58
N ALA A 28 0.41 3.54 5.37
CA ALA A 28 0.73 4.54 6.37
C ALA A 28 -0.14 5.75 6.01
N GLY A 29 0.05 6.89 6.64
CA GLY A 29 -0.75 8.04 6.27
C GLY A 29 -0.32 9.32 6.98
N PRO A 30 -1.00 10.45 6.72
CA PRO A 30 -0.71 11.74 7.35
C PRO A 30 -1.05 11.78 8.83
N TRP A 31 -0.81 12.94 9.41
CA TRP A 31 -1.19 13.24 10.81
C TRP A 31 -2.72 13.31 11.00
N TYR A 32 -3.46 13.16 9.91
CA TYR A 32 -4.91 13.17 9.93
C TYR A 32 -5.36 11.93 9.16
N LEU A 33 -6.59 11.49 9.43
CA LEU A 33 -7.13 10.20 8.94
C LEU A 33 -6.29 9.08 9.56
N GLY A 34 -6.18 7.94 8.88
CA GLY A 34 -5.44 6.80 9.41
C GLY A 34 -4.30 6.37 8.51
N HIS A 35 -4.52 5.30 7.75
CA HIS A 35 -3.50 4.81 6.81
C HIS A 35 -3.95 4.77 5.35
N PRO A 36 -4.37 5.92 4.76
CA PRO A 36 -4.83 5.83 3.37
C PRO A 36 -3.72 5.68 2.32
N THR A 37 -2.51 6.04 2.69
CA THR A 37 -1.38 6.09 1.76
C THR A 37 -0.70 4.73 1.63
N CYS A 38 -0.72 4.20 0.41
CA CYS A 38 0.04 2.99 0.12
C CYS A 38 1.48 3.41 -0.12
N THR A 39 2.40 2.72 0.52
CA THR A 39 3.82 2.96 0.37
C THR A 39 4.41 1.63 -0.05
N CYS A 40 5.22 1.62 -1.08
CA CYS A 40 5.64 0.34 -1.66
C CYS A 40 6.99 -0.09 -1.13
N SER A 41 7.16 -1.40 -1.05
CA SER A 41 8.35 -2.01 -0.50
C SER A 41 9.03 -2.77 -1.62
N PHE A 42 10.34 -2.94 -1.47
CA PHE A 42 11.15 -3.70 -2.40
C PHE A 42 11.72 -4.79 -1.52
N GLY A 1 -6.22 4.36 -0.17
CA GLY A 1 -6.87 3.67 -1.29
C GLY A 1 -6.30 2.29 -1.48
N PHE A 2 -6.69 1.58 -2.53
CA PHE A 2 -6.18 0.23 -2.83
C PHE A 2 -6.34 -0.74 -1.65
N GLY A 3 -7.54 -0.76 -1.09
CA GLY A 3 -7.85 -1.66 0.02
C GLY A 3 -7.52 -1.06 1.36
N CYS A 4 -6.65 -0.06 1.39
CA CYS A 4 -6.22 0.54 2.65
C CYS A 4 -6.92 1.89 2.92
N PRO A 5 -7.26 2.18 4.19
CA PRO A 5 -7.07 1.34 5.38
C PRO A 5 -8.03 0.16 5.40
N GLY A 6 -7.55 -0.97 5.90
CA GLY A 6 -8.38 -2.17 5.99
C GLY A 6 -7.58 -3.39 5.58
N ASP A 7 -7.21 -3.44 4.30
CA ASP A 7 -6.46 -4.57 3.75
C ASP A 7 -5.15 -4.15 3.07
N ALA A 8 -4.05 -4.73 3.53
CA ALA A 8 -2.74 -4.45 2.96
C ALA A 8 -2.46 -5.31 1.72
N TYR A 9 -3.21 -6.39 1.54
CA TYR A 9 -2.95 -7.30 0.42
C TYR A 9 -3.24 -6.60 -0.91
N GLN A 10 -4.36 -5.91 -1.02
CA GLN A 10 -4.69 -5.17 -2.23
C GLN A 10 -3.67 -4.04 -2.47
N CYS A 11 -3.15 -3.46 -1.40
CA CYS A 11 -2.12 -2.43 -1.51
C CYS A 11 -0.83 -3.05 -2.07
N SER A 12 -0.54 -4.25 -1.62
CA SER A 12 0.61 -5.02 -2.12
C SER A 12 0.46 -5.34 -3.60
N GLU A 13 -0.72 -5.76 -4.01
CA GLU A 13 -0.99 -6.07 -5.41
C GLU A 13 -0.80 -4.82 -6.27
N HIS A 14 -1.30 -3.69 -5.79
CA HIS A 14 -1.11 -2.41 -6.48
C HIS A 14 0.37 -2.08 -6.64
N CYS A 15 1.13 -2.21 -5.56
CA CYS A 15 2.57 -1.93 -5.61
C CYS A 15 3.31 -2.89 -6.54
N ARG A 16 2.98 -4.16 -6.49
CA ARG A 16 3.62 -5.14 -7.39
C ARG A 16 3.33 -4.81 -8.85
N ALA A 17 2.13 -4.32 -9.13
CA ALA A 17 1.76 -3.91 -10.49
C ALA A 17 2.54 -2.68 -10.96
N LEU A 18 2.90 -1.80 -10.03
CA LEU A 18 3.66 -0.59 -10.34
C LEU A 18 5.10 -0.90 -10.76
N GLY A 19 5.58 -2.10 -10.47
CA GLY A 19 6.93 -2.46 -10.83
C GLY A 19 7.33 -3.78 -10.25
N GLY A 20 7.90 -4.65 -11.08
CA GLY A 20 8.27 -5.99 -10.64
C GLY A 20 9.37 -6.05 -9.58
N GLY A 21 10.05 -4.93 -9.37
CA GLY A 21 11.06 -4.86 -8.34
C GLY A 21 10.41 -4.82 -6.97
N ARG A 22 9.16 -4.39 -6.92
CA ARG A 22 8.42 -4.29 -5.69
C ARG A 22 7.80 -5.63 -5.39
N THR A 23 8.06 -6.14 -4.21
CA THR A 23 7.54 -7.45 -3.82
C THR A 23 6.23 -7.31 -3.07
N GLY A 24 5.92 -6.11 -2.65
CA GLY A 24 4.69 -5.85 -1.94
C GLY A 24 4.55 -4.40 -1.53
N GLY A 25 3.78 -4.17 -0.49
CA GLY A 25 3.54 -2.82 0.00
C GLY A 25 2.93 -2.80 1.38
N TYR A 26 2.97 -1.65 2.01
CA TYR A 26 2.45 -1.43 3.35
C TYR A 26 1.57 -0.18 3.30
N CYS A 27 0.86 0.09 4.38
CA CYS A 27 0.02 1.27 4.44
C CYS A 27 0.40 2.14 5.63
N ALA A 28 0.36 3.44 5.44
CA ALA A 28 0.67 4.42 6.48
C ALA A 28 -0.30 5.58 6.25
N GLY A 29 -0.20 6.67 7.00
CA GLY A 29 -1.10 7.79 6.76
C GLY A 29 -0.76 9.01 7.59
N PRO A 30 -1.59 10.07 7.54
CA PRO A 30 -1.41 11.31 8.32
C PRO A 30 -1.56 11.15 9.82
N TRP A 31 -1.47 12.28 10.51
CA TRP A 31 -1.76 12.38 11.94
C TRP A 31 -3.23 12.08 12.29
N TYR A 32 -4.05 11.84 11.28
CA TYR A 32 -5.46 11.60 11.46
C TYR A 32 -5.90 10.51 10.48
N LEU A 33 -7.07 9.94 10.74
CA LEU A 33 -7.61 8.79 10.01
C LEU A 33 -6.71 7.58 10.27
N GLY A 34 -6.81 6.56 9.43
CA GLY A 34 -6.02 5.35 9.63
C GLY A 34 -4.78 5.33 8.76
N HIS A 35 -4.76 4.42 7.80
CA HIS A 35 -3.63 4.27 6.89
C HIS A 35 -4.03 4.39 5.40
N PRO A 36 -4.52 5.56 4.96
CA PRO A 36 -4.94 5.66 3.55
C PRO A 36 -3.80 5.68 2.51
N THR A 37 -2.59 5.96 2.95
CA THR A 37 -1.45 6.12 2.06
C THR A 37 -0.72 4.79 1.85
N CYS A 38 -0.73 4.31 0.61
CA CYS A 38 0.02 3.10 0.27
C CYS A 38 1.47 3.51 0.06
N THR A 39 2.38 2.65 0.50
CA THR A 39 3.81 2.85 0.32
C THR A 39 4.35 1.48 -0.05
N CYS A 40 5.26 1.40 -1.01
CA CYS A 40 5.66 0.09 -1.53
C CYS A 40 6.91 -0.45 -0.88
N SER A 41 7.02 -1.77 -0.93
CA SER A 41 8.15 -2.49 -0.36
C SER A 41 8.82 -3.26 -1.47
N PHE A 42 10.09 -3.55 -1.28
CA PHE A 42 10.88 -4.32 -2.22
C PHE A 42 11.37 -5.48 -1.38
N GLY A 1 -5.79 4.39 -0.15
CA GLY A 1 -6.54 3.73 -1.24
C GLY A 1 -6.06 2.33 -1.46
N PHE A 2 -6.55 1.65 -2.51
CA PHE A 2 -6.11 0.30 -2.87
C PHE A 2 -6.24 -0.69 -1.71
N GLY A 3 -7.42 -0.70 -1.09
CA GLY A 3 -7.70 -1.60 0.02
C GLY A 3 -7.45 -0.94 1.35
N CYS A 4 -6.51 -0.01 1.37
CA CYS A 4 -6.16 0.70 2.59
C CYS A 4 -6.92 2.03 2.72
N PRO A 5 -7.25 2.46 3.95
CA PRO A 5 -7.01 1.77 5.23
C PRO A 5 -7.94 0.57 5.43
N GLY A 6 -7.38 -0.55 5.84
CA GLY A 6 -8.16 -1.76 6.06
C GLY A 6 -7.39 -2.98 5.61
N ASP A 7 -7.17 -3.09 4.30
CA ASP A 7 -6.45 -4.24 3.73
C ASP A 7 -5.14 -3.83 3.04
N ALA A 8 -4.05 -4.43 3.49
CA ALA A 8 -2.74 -4.20 2.91
C ALA A 8 -2.46 -5.13 1.73
N TYR A 9 -3.24 -6.19 1.56
CA TYR A 9 -2.98 -7.15 0.48
C TYR A 9 -3.21 -6.51 -0.88
N GLN A 10 -4.34 -5.85 -1.06
CA GLN A 10 -4.61 -5.15 -2.32
C GLN A 10 -3.61 -4.02 -2.55
N CYS A 11 -3.14 -3.42 -1.46
CA CYS A 11 -2.12 -2.38 -1.54
C CYS A 11 -0.82 -2.98 -2.09
N SER A 12 -0.48 -4.17 -1.61
CA SER A 12 0.68 -4.91 -2.09
C SER A 12 0.53 -5.25 -3.56
N GLU A 13 -0.64 -5.72 -3.97
CA GLU A 13 -0.88 -6.05 -5.36
C GLU A 13 -0.72 -4.82 -6.26
N HIS A 14 -1.23 -3.69 -5.80
CA HIS A 14 -1.09 -2.44 -6.55
C HIS A 14 0.38 -2.06 -6.69
N CYS A 15 1.13 -2.15 -5.60
CA CYS A 15 2.55 -1.83 -5.64
C CYS A 15 3.31 -2.77 -6.56
N ARG A 16 3.01 -4.06 -6.50
CA ARG A 16 3.66 -5.04 -7.38
C ARG A 16 3.37 -4.72 -8.84
N ALA A 17 2.17 -4.26 -9.13
CA ALA A 17 1.78 -3.88 -10.49
C ALA A 17 2.58 -2.66 -10.99
N LEU A 18 2.94 -1.75 -10.08
CA LEU A 18 3.72 -0.56 -10.45
C LEU A 18 5.14 -0.91 -10.86
N GLY A 19 5.60 -2.10 -10.53
CA GLY A 19 6.95 -2.51 -10.89
C GLY A 19 7.29 -3.84 -10.28
N GLY A 20 7.76 -4.78 -11.09
CA GLY A 20 8.07 -6.13 -10.61
C GLY A 20 9.17 -6.23 -9.59
N GLY A 21 9.94 -5.16 -9.45
CA GLY A 21 10.98 -5.11 -8.43
C GLY A 21 10.37 -4.95 -7.05
N ARG A 22 9.17 -4.41 -6.98
CA ARG A 22 8.47 -4.24 -5.73
C ARG A 22 7.89 -5.59 -5.35
N THR A 23 8.20 -6.04 -4.15
CA THR A 23 7.73 -7.33 -3.68
C THR A 23 6.37 -7.18 -3.02
N GLY A 24 6.04 -5.94 -2.68
CA GLY A 24 4.77 -5.67 -2.05
C GLY A 24 4.62 -4.23 -1.62
N GLY A 25 3.85 -4.02 -0.57
CA GLY A 25 3.64 -2.69 -0.04
C GLY A 25 2.95 -2.77 1.30
N TYR A 26 2.97 -1.67 2.02
CA TYR A 26 2.37 -1.57 3.35
C TYR A 26 1.64 -0.23 3.40
N CYS A 27 0.89 0.03 4.45
CA CYS A 27 0.12 1.26 4.55
C CYS A 27 0.53 2.08 5.77
N ALA A 28 0.49 3.40 5.60
CA ALA A 28 0.81 4.37 6.64
C ALA A 28 0.01 5.59 6.25
N GLY A 29 0.35 6.76 6.76
CA GLY A 29 -0.29 7.98 6.27
C GLY A 29 -0.41 9.11 7.28
N PRO A 30 -1.21 10.14 6.96
CA PRO A 30 -1.42 11.28 7.85
C PRO A 30 -2.10 10.89 9.15
N TRP A 31 -2.09 11.80 10.10
CA TRP A 31 -2.64 11.59 11.44
C TRP A 31 -4.17 11.46 11.52
N TYR A 32 -4.87 11.55 10.40
CA TYR A 32 -6.31 11.34 10.37
C TYR A 32 -6.59 9.99 9.71
N LEU A 33 -7.68 9.36 10.13
CA LEU A 33 -8.01 7.98 9.77
C LEU A 33 -6.88 7.08 10.27
N GLY A 34 -6.68 5.92 9.66
CA GLY A 34 -5.65 4.99 10.13
C GLY A 34 -4.42 4.98 9.25
N HIS A 35 -4.56 4.37 8.07
CA HIS A 35 -3.44 4.26 7.13
C HIS A 35 -3.87 4.57 5.68
N PRO A 36 -4.20 5.84 5.37
CA PRO A 36 -4.67 6.16 4.01
C PRO A 36 -3.66 5.99 2.86
N THR A 37 -2.38 6.11 3.15
CA THR A 37 -1.33 6.12 2.14
C THR A 37 -0.72 4.74 1.90
N CYS A 38 -0.76 4.29 0.66
CA CYS A 38 -0.05 3.07 0.27
C CYS A 38 1.40 3.45 0.05
N THR A 39 2.32 2.66 0.59
CA THR A 39 3.73 2.89 0.43
C THR A 39 4.31 1.55 -0.03
N CYS A 40 5.14 1.55 -1.05
CA CYS A 40 5.57 0.29 -1.64
C CYS A 40 6.89 -0.18 -1.08
N SER A 41 7.07 -1.50 -1.08
CA SER A 41 8.26 -2.13 -0.54
C SER A 41 8.92 -2.95 -1.62
N PHE A 42 10.20 -3.16 -1.46
CA PHE A 42 11.00 -4.00 -2.34
C PHE A 42 11.50 -5.08 -1.41
#